data_2CZG
#
_entry.id   2CZG
#
_cell.length_a   105.465
_cell.length_b   219.285
_cell.length_c   120.753
_cell.angle_alpha   90.00
_cell.angle_beta   90.00
_cell.angle_gamma   90.00
#
_symmetry.space_group_name_H-M   'C 2 2 21'
#
loop_
_entity.id
_entity.type
_entity.pdbx_description
1 polymer 'phosphoribosylglycinamide formyl transferase'
2 non-polymer 'SULFATE ION'
3 non-polymer GLYCEROL
4 water water
#
_entity_poly.entity_id   1
_entity_poly.type   'polypeptide(L)'
_entity_poly.pdbx_seq_one_letter_code
;MVVMIKLRDELGTATTDSAQKILLLGSGELGKEIAIEAQRLGVEVVAVDRYANAPAMQVAHRSYVGNMMDKDFLWSVVER
EKPDAIIPEIEAINLDALFEFEKDGYFVVPNARATWIAMHRERLRETLVKEAKVPTSRYMYATTLDELYEACEKIGYPCH
TKAIMSSSGKGSYFVKGPEDIPKAWEEAKTKARGSAEKIIVEEHIDFDVEVTELAVRHFDENGEIVTTFPKPVGHYQIDG
DYHASWQPAEISEKAEREVYRIAKRITDVLGGLGIFGVEMFVKGDKVWANEVSPRPHDTGMVTLASHPPGFSEFALHLRA
VLGLPIPGEWVDGYRLFPMLIPAATHVIKAKVSGYSPRFRGLVKALSVPNATVRLFGKPEAYVGRRLGIALAWDKDVEVA
KRKAEMVAHMIELRTRSSDWHDQNYEKRKHLLR
;
_entity_poly.pdbx_strand_id   A,B
#
# COMPACT_ATOMS: atom_id res chain seq x y z
N VAL A 2 -13.50 -26.61 -14.21
CA VAL A 2 -14.00 -26.28 -12.84
C VAL A 2 -12.83 -25.83 -11.97
N VAL A 3 -13.03 -24.80 -11.16
CA VAL A 3 -11.97 -24.25 -10.31
C VAL A 3 -10.97 -25.31 -9.85
N MET A 4 -9.71 -25.05 -10.18
CA MET A 4 -8.61 -25.93 -9.86
C MET A 4 -8.27 -25.96 -8.38
N ILE A 5 -8.58 -24.89 -7.65
CA ILE A 5 -8.23 -24.85 -6.25
C ILE A 5 -9.40 -24.90 -5.29
N LYS A 6 -9.06 -25.01 -4.01
CA LYS A 6 -10.06 -25.07 -2.95
C LYS A 6 -9.89 -23.92 -1.96
N LEU A 7 -10.88 -23.75 -1.08
CA LEU A 7 -10.86 -22.74 -0.04
C LEU A 7 -9.50 -22.85 0.65
N ARG A 8 -8.85 -21.72 0.89
CA ARG A 8 -7.54 -21.75 1.55
C ARG A 8 -7.62 -21.19 2.95
N ASP A 9 -7.06 -21.95 3.90
CA ASP A 9 -7.03 -21.58 5.31
C ASP A 9 -5.60 -21.28 5.77
N GLU A 10 -4.64 -21.54 4.88
CA GLU A 10 -3.22 -21.39 5.23
C GLU A 10 -2.35 -20.72 4.16
N LEU A 11 -1.26 -20.10 4.62
CA LEU A 11 -0.25 -19.47 3.75
C LEU A 11 1.12 -19.72 4.35
N GLY A 12 2.10 -19.93 3.48
CA GLY A 12 3.47 -20.11 3.92
C GLY A 12 4.20 -18.79 3.75
N THR A 13 5.53 -18.85 3.69
CA THR A 13 6.38 -17.67 3.58
C THR A 13 7.25 -17.62 2.30
N ALA A 14 7.16 -16.50 1.60
CA ALA A 14 7.94 -16.26 0.37
C ALA A 14 9.45 -16.41 0.64
N THR A 15 10.14 -16.97 -0.36
CA THR A 15 11.58 -17.24 -0.34
C THR A 15 11.95 -18.49 0.43
N THR A 16 10.95 -19.14 1.05
CA THR A 16 11.16 -20.41 1.79
C THR A 16 10.38 -21.52 1.07
N ASP A 17 10.53 -22.77 1.51
CA ASP A 17 9.84 -23.86 0.84
C ASP A 17 8.35 -23.95 1.14
N SER A 18 7.86 -23.18 2.09
CA SER A 18 6.43 -23.22 2.41
C SER A 18 5.67 -22.16 1.62
N ALA A 19 6.37 -21.46 0.75
CA ALA A 19 5.78 -20.36 -0.03
C ALA A 19 4.70 -20.68 -1.05
N GLN A 20 3.74 -19.76 -1.18
CA GLN A 20 2.73 -19.86 -2.23
C GLN A 20 3.34 -18.93 -3.25
N LYS A 21 3.03 -19.13 -4.52
CA LYS A 21 3.61 -18.30 -5.54
C LYS A 21 2.64 -17.94 -6.64
N ILE A 22 2.66 -16.66 -7.04
CA ILE A 22 1.82 -16.24 -8.15
C ILE A 22 2.73 -15.89 -9.32
N LEU A 23 2.23 -16.11 -10.53
CA LEU A 23 2.93 -15.82 -11.75
C LEU A 23 2.14 -14.74 -12.50
N LEU A 24 2.73 -13.56 -12.62
CA LEU A 24 2.10 -12.44 -13.31
C LEU A 24 2.55 -12.39 -14.76
N LEU A 25 1.61 -12.58 -15.69
CA LEU A 25 1.95 -12.53 -17.11
C LEU A 25 1.49 -11.14 -17.52
N GLY A 26 2.44 -10.19 -17.48
CA GLY A 26 2.16 -8.79 -17.77
C GLY A 26 2.57 -8.10 -16.47
N SER A 27 3.48 -7.13 -16.55
CA SER A 27 3.97 -6.48 -15.35
C SER A 27 3.82 -4.97 -15.29
N GLY A 28 2.68 -4.48 -15.80
CA GLY A 28 2.38 -3.06 -15.80
C GLY A 28 1.90 -2.60 -14.45
N GLU A 29 1.36 -1.39 -14.39
CA GLU A 29 0.90 -0.81 -13.12
C GLU A 29 -0.13 -1.65 -12.35
N LEU A 30 -0.92 -2.45 -13.06
CA LEU A 30 -1.92 -3.28 -12.40
C LEU A 30 -1.23 -4.49 -11.76
N GLY A 31 -0.33 -5.13 -12.49
CA GLY A 31 0.38 -6.25 -11.91
C GLY A 31 1.20 -5.77 -10.71
N LYS A 32 1.68 -4.54 -10.79
CA LYS A 32 2.49 -3.97 -9.70
C LYS A 32 1.73 -3.93 -8.38
N GLU A 33 0.50 -3.43 -8.41
CA GLU A 33 -0.29 -3.39 -7.19
C GLU A 33 -0.64 -4.78 -6.70
N ILE A 34 -0.75 -5.74 -7.62
CA ILE A 34 -1.05 -7.10 -7.22
C ILE A 34 0.18 -7.64 -6.49
N ALA A 35 1.36 -7.42 -7.08
CA ALA A 35 2.60 -7.89 -6.47
C ALA A 35 2.78 -7.24 -5.07
N ILE A 36 2.37 -5.98 -4.92
CA ILE A 36 2.49 -5.32 -3.63
C ILE A 36 1.60 -6.01 -2.57
N GLU A 37 0.34 -6.31 -2.89
CA GLU A 37 -0.53 -7.00 -1.94
C GLU A 37 0.03 -8.40 -1.62
N ALA A 38 0.54 -9.08 -2.62
CA ALA A 38 1.10 -10.39 -2.38
C ALA A 38 2.29 -10.27 -1.40
N GLN A 39 3.16 -9.28 -1.61
CA GLN A 39 4.33 -9.07 -0.72
C GLN A 39 3.83 -8.78 0.71
N ARG A 40 2.78 -7.98 0.81
CA ARG A 40 2.22 -7.66 2.12
C ARG A 40 1.64 -8.91 2.81
N LEU A 41 1.50 -10.00 2.06
CA LEU A 41 0.98 -11.25 2.59
C LEU A 41 2.07 -12.32 2.64
N GLY A 42 3.28 -11.93 2.27
CA GLY A 42 4.37 -12.89 2.28
C GLY A 42 4.22 -13.97 1.21
N VAL A 43 3.58 -13.63 0.09
CA VAL A 43 3.38 -14.55 -1.04
C VAL A 43 4.47 -14.28 -2.09
N GLU A 44 5.11 -15.36 -2.58
CA GLU A 44 6.17 -15.19 -3.56
C GLU A 44 5.61 -14.71 -4.91
N VAL A 45 6.31 -13.76 -5.53
CA VAL A 45 5.88 -13.19 -6.80
C VAL A 45 6.91 -13.28 -7.92
N VAL A 46 6.49 -13.82 -9.06
CA VAL A 46 7.34 -13.92 -10.23
C VAL A 46 6.62 -13.09 -11.29
N ALA A 47 7.28 -12.04 -11.79
CA ALA A 47 6.67 -11.17 -12.81
C ALA A 47 7.27 -11.43 -14.17
N VAL A 48 6.43 -11.44 -15.20
CA VAL A 48 6.87 -11.73 -16.56
C VAL A 48 6.36 -10.64 -17.50
N ASP A 49 7.17 -10.31 -18.51
CA ASP A 49 6.76 -9.29 -19.47
C ASP A 49 7.76 -9.23 -20.59
N ARG A 50 7.50 -8.37 -21.57
CA ARG A 50 8.36 -8.26 -22.76
C ARG A 50 9.60 -7.38 -22.60
N TYR A 51 9.66 -6.57 -21.55
CA TYR A 51 10.84 -5.73 -21.33
C TYR A 51 11.25 -5.84 -19.86
N ALA A 52 12.50 -5.52 -19.55
CA ALA A 52 13.03 -5.62 -18.17
C ALA A 52 12.64 -4.43 -17.29
N ASN A 53 12.65 -4.65 -15.98
CA ASN A 53 12.31 -3.63 -14.99
C ASN A 53 10.91 -3.05 -15.20
N ALA A 54 10.00 -3.89 -15.65
CA ALA A 54 8.64 -3.44 -15.80
C ALA A 54 8.16 -3.16 -14.36
N PRO A 55 7.18 -2.27 -14.20
CA PRO A 55 6.69 -1.97 -12.85
C PRO A 55 6.54 -3.12 -11.85
N ALA A 56 5.80 -4.16 -12.20
CA ALA A 56 5.59 -5.24 -11.25
C ALA A 56 6.86 -6.00 -10.96
N MET A 57 7.79 -5.98 -11.89
CA MET A 57 8.95 -6.74 -11.53
C MET A 57 10.00 -6.01 -10.71
N GLN A 58 9.80 -4.72 -10.46
CA GLN A 58 10.74 -4.04 -9.59
C GLN A 58 10.31 -4.44 -8.17
N VAL A 59 9.04 -4.78 -8.01
CA VAL A 59 8.45 -5.18 -6.71
C VAL A 59 8.48 -6.70 -6.45
N ALA A 60 8.51 -7.48 -7.52
CA ALA A 60 8.52 -8.93 -7.44
C ALA A 60 9.82 -9.57 -6.90
N HIS A 61 9.73 -10.83 -6.49
CA HIS A 61 10.91 -11.53 -6.00
C HIS A 61 11.82 -11.83 -7.19
N ARG A 62 11.23 -12.26 -8.30
CA ARG A 62 11.96 -12.60 -9.53
C ARG A 62 11.15 -12.17 -10.73
N SER A 63 11.79 -12.18 -11.88
CA SER A 63 11.13 -11.82 -13.11
C SER A 63 11.74 -12.58 -14.29
N TYR A 64 11.00 -12.64 -15.39
CA TYR A 64 11.46 -13.27 -16.61
C TYR A 64 11.07 -12.35 -17.73
N VAL A 65 11.94 -12.22 -18.72
CA VAL A 65 11.67 -11.36 -19.84
C VAL A 65 11.71 -12.15 -21.15
N GLY A 66 10.64 -12.03 -21.93
CA GLY A 66 10.52 -12.71 -23.21
C GLY A 66 9.20 -12.37 -23.91
N ASN A 67 9.02 -12.93 -25.09
CA ASN A 67 7.83 -12.70 -25.91
C ASN A 67 6.63 -13.47 -25.33
N MET A 68 5.61 -12.76 -24.87
CA MET A 68 4.48 -13.45 -24.28
C MET A 68 3.47 -14.06 -25.25
N MET A 69 3.78 -13.99 -26.54
CA MET A 69 2.94 -14.59 -27.58
C MET A 69 3.65 -15.88 -27.96
N ASP A 70 4.80 -16.13 -27.34
CA ASP A 70 5.60 -17.32 -27.60
C ASP A 70 5.27 -18.39 -26.55
N LYS A 71 4.60 -19.44 -26.99
CA LYS A 71 4.18 -20.53 -26.14
C LYS A 71 5.35 -21.21 -25.42
N ASP A 72 6.45 -21.41 -26.13
CA ASP A 72 7.62 -22.07 -25.56
C ASP A 72 8.20 -21.28 -24.39
N PHE A 73 8.24 -19.97 -24.53
CA PHE A 73 8.77 -19.12 -23.47
C PHE A 73 7.93 -19.27 -22.21
N LEU A 74 6.62 -19.10 -22.34
CA LEU A 74 5.71 -19.20 -21.21
C LEU A 74 5.80 -20.55 -20.52
N TRP A 75 5.84 -21.62 -21.32
CA TRP A 75 5.93 -22.98 -20.79
C TRP A 75 7.21 -23.18 -19.98
N SER A 76 8.32 -22.66 -20.48
CA SER A 76 9.57 -22.84 -19.76
C SER A 76 9.45 -22.21 -18.38
N VAL A 77 8.83 -21.05 -18.33
CA VAL A 77 8.64 -20.32 -17.08
C VAL A 77 7.71 -21.08 -16.15
N VAL A 78 6.57 -21.52 -16.69
CA VAL A 78 5.60 -22.24 -15.88
C VAL A 78 6.16 -23.54 -15.34
N GLU A 79 6.87 -24.28 -16.16
CA GLU A 79 7.44 -25.54 -15.71
C GLU A 79 8.51 -25.28 -14.64
N ARG A 80 9.25 -24.18 -14.78
CA ARG A 80 10.29 -23.83 -13.82
C ARG A 80 9.69 -23.35 -12.50
N GLU A 81 8.59 -22.61 -12.56
CA GLU A 81 7.99 -22.06 -11.34
C GLU A 81 6.87 -22.83 -10.67
N LYS A 82 6.02 -23.50 -11.44
CA LYS A 82 4.92 -24.28 -10.85
C LYS A 82 4.14 -23.44 -9.85
N PRO A 83 3.61 -22.30 -10.29
CA PRO A 83 2.85 -21.39 -9.43
C PRO A 83 1.46 -21.87 -9.01
N ASP A 84 0.97 -21.31 -7.91
CA ASP A 84 -0.37 -21.59 -7.39
C ASP A 84 -1.41 -20.88 -8.25
N ALA A 85 -1.00 -19.82 -8.93
CA ALA A 85 -1.93 -19.08 -9.80
C ALA A 85 -1.16 -18.38 -10.90
N ILE A 86 -1.71 -18.44 -12.11
CA ILE A 86 -1.15 -17.81 -13.30
C ILE A 86 -2.15 -16.69 -13.56
N ILE A 87 -1.70 -15.46 -13.39
CA ILE A 87 -2.54 -14.26 -13.51
C ILE A 87 -2.27 -13.37 -14.72
N PRO A 88 -3.10 -13.47 -15.77
CA PRO A 88 -2.91 -12.64 -16.97
C PRO A 88 -3.18 -11.18 -16.61
N GLU A 89 -2.29 -10.27 -17.02
CA GLU A 89 -2.50 -8.86 -16.71
C GLU A 89 -2.96 -8.15 -17.97
N ILE A 90 -2.69 -8.76 -19.12
CA ILE A 90 -3.06 -8.19 -20.42
C ILE A 90 -3.70 -9.22 -21.33
N GLU A 91 -4.07 -8.78 -22.53
CA GLU A 91 -4.71 -9.64 -23.53
C GLU A 91 -3.70 -10.32 -24.45
N ALA A 92 -2.67 -9.57 -24.84
CA ALA A 92 -1.61 -10.06 -25.73
C ALA A 92 -0.76 -11.15 -25.08
N ILE A 93 -1.34 -12.33 -24.89
CA ILE A 93 -0.66 -13.47 -24.31
C ILE A 93 -1.07 -14.65 -25.18
N ASN A 94 -0.17 -15.59 -25.39
CA ASN A 94 -0.47 -16.75 -26.20
C ASN A 94 -1.63 -17.53 -25.58
N LEU A 95 -2.79 -17.50 -26.24
CA LEU A 95 -4.01 -18.18 -25.78
C LEU A 95 -3.90 -19.71 -25.67
N ASP A 96 -3.29 -20.36 -26.65
CA ASP A 96 -3.12 -21.81 -26.58
C ASP A 96 -2.34 -22.22 -25.33
N ALA A 97 -1.27 -21.48 -25.02
CA ALA A 97 -0.45 -21.76 -23.83
C ALA A 97 -1.34 -21.78 -22.58
N LEU A 98 -2.18 -20.77 -22.40
CA LEU A 98 -3.08 -20.74 -21.24
C LEU A 98 -3.93 -22.02 -21.17
N PHE A 99 -4.53 -22.43 -22.29
CA PHE A 99 -5.35 -23.64 -22.29
C PHE A 99 -4.49 -24.83 -21.88
N GLU A 100 -3.28 -24.91 -22.43
CA GLU A 100 -2.40 -26.01 -22.10
C GLU A 100 -2.00 -26.03 -20.62
N PHE A 101 -1.75 -24.85 -20.02
CA PHE A 101 -1.38 -24.81 -18.61
C PHE A 101 -2.53 -25.38 -17.77
N GLU A 102 -3.73 -24.87 -18.05
CA GLU A 102 -4.95 -25.27 -17.36
C GLU A 102 -5.19 -26.77 -17.51
N LYS A 103 -5.10 -27.26 -18.74
CA LYS A 103 -5.28 -28.68 -19.04
C LYS A 103 -4.25 -29.53 -18.29
N ASP A 104 -3.09 -28.94 -18.01
CA ASP A 104 -2.02 -29.64 -17.31
C ASP A 104 -2.15 -29.51 -15.78
N GLY A 105 -3.20 -28.85 -15.32
CA GLY A 105 -3.36 -28.71 -13.88
C GLY A 105 -2.88 -27.41 -13.25
N TYR A 106 -2.56 -26.39 -14.05
CA TYR A 106 -2.15 -25.12 -13.46
C TYR A 106 -3.34 -24.21 -13.42
N PHE A 107 -3.52 -23.51 -12.32
CA PHE A 107 -4.65 -22.62 -12.23
C PHE A 107 -4.47 -21.32 -13.00
N VAL A 108 -5.16 -21.21 -14.14
CA VAL A 108 -5.17 -20.01 -14.98
C VAL A 108 -6.40 -19.18 -14.56
N VAL A 109 -6.17 -17.93 -14.14
CA VAL A 109 -7.21 -17.02 -13.67
C VAL A 109 -7.96 -16.25 -14.77
N PRO A 110 -9.31 -16.25 -14.75
CA PRO A 110 -10.23 -16.91 -13.81
C PRO A 110 -10.36 -18.36 -14.31
N ASN A 111 -10.07 -18.52 -15.61
CA ASN A 111 -9.99 -19.80 -16.33
C ASN A 111 -9.53 -19.42 -17.74
N ALA A 112 -8.96 -20.37 -18.49
CA ALA A 112 -8.46 -20.04 -19.83
C ALA A 112 -9.54 -19.49 -20.76
N ARG A 113 -10.67 -20.19 -20.82
CA ARG A 113 -11.78 -19.81 -21.68
C ARG A 113 -12.18 -18.34 -21.56
N ALA A 114 -12.21 -17.81 -20.34
CA ALA A 114 -12.59 -16.43 -20.14
C ALA A 114 -11.68 -15.44 -20.90
N THR A 115 -10.36 -15.65 -20.81
CA THR A 115 -9.44 -14.76 -21.51
C THR A 115 -9.67 -14.90 -23.02
N TRP A 116 -9.91 -16.12 -23.47
CA TRP A 116 -10.15 -16.41 -24.89
C TRP A 116 -11.41 -15.69 -25.40
N ILE A 117 -12.51 -15.81 -24.66
CA ILE A 117 -13.75 -15.15 -25.04
C ILE A 117 -13.58 -13.63 -25.14
N ALA A 118 -13.04 -13.02 -24.09
CA ALA A 118 -12.87 -11.58 -24.05
C ALA A 118 -11.88 -11.07 -25.11
N MET A 119 -11.15 -11.98 -25.75
CA MET A 119 -10.20 -11.62 -26.78
C MET A 119 -10.90 -11.26 -28.09
N HIS A 120 -11.90 -12.07 -28.46
CA HIS A 120 -12.64 -11.84 -29.70
C HIS A 120 -13.93 -11.06 -29.44
N ARG A 121 -13.97 -9.81 -29.88
CA ARG A 121 -15.15 -8.97 -29.68
C ARG A 121 -16.46 -9.59 -30.15
N GLU A 122 -16.45 -10.26 -31.30
CA GLU A 122 -17.67 -10.90 -31.77
C GLU A 122 -18.08 -12.01 -30.83
N ARG A 123 -17.10 -12.83 -30.43
CA ARG A 123 -17.36 -13.94 -29.50
C ARG A 123 -17.95 -13.40 -28.19
N LEU A 124 -17.36 -12.31 -27.71
CA LEU A 124 -17.81 -11.70 -26.47
C LEU A 124 -19.24 -11.18 -26.57
N ARG A 125 -19.51 -10.38 -27.61
CA ARG A 125 -20.84 -9.81 -27.81
C ARG A 125 -21.90 -10.90 -27.93
N GLU A 126 -21.58 -11.96 -28.66
CA GLU A 126 -22.53 -13.06 -28.82
C GLU A 126 -22.74 -13.78 -27.51
N THR A 127 -21.66 -13.95 -26.74
CA THR A 127 -21.75 -14.59 -25.43
C THR A 127 -22.62 -13.73 -24.52
N LEU A 128 -22.44 -12.42 -24.59
CA LEU A 128 -23.22 -11.51 -23.76
C LEU A 128 -24.71 -11.58 -24.10
N VAL A 129 -25.01 -11.69 -25.38
CA VAL A 129 -26.38 -11.73 -25.85
C VAL A 129 -27.07 -13.07 -25.71
N LYS A 130 -26.41 -14.13 -26.21
CA LYS A 130 -26.97 -15.48 -26.19
C LYS A 130 -26.88 -16.24 -24.87
N GLU A 131 -25.70 -16.24 -24.26
CA GLU A 131 -25.53 -16.97 -23.01
C GLU A 131 -25.84 -16.17 -21.75
N ALA A 132 -25.31 -14.96 -21.63
CA ALA A 132 -25.59 -14.16 -20.42
C ALA A 132 -26.97 -13.53 -20.51
N LYS A 133 -27.47 -13.38 -21.74
CA LYS A 133 -28.78 -12.79 -21.98
C LYS A 133 -28.94 -11.45 -21.26
N VAL A 134 -28.09 -10.49 -21.62
CA VAL A 134 -28.13 -9.17 -21.02
C VAL A 134 -28.29 -8.17 -22.14
N PRO A 135 -28.94 -7.03 -21.87
CA PRO A 135 -29.14 -6.01 -22.91
C PRO A 135 -27.86 -5.31 -23.37
N THR A 136 -27.78 -5.06 -24.67
CA THR A 136 -26.64 -4.36 -25.27
C THR A 136 -27.22 -3.43 -26.33
N SER A 137 -26.40 -2.49 -26.80
CA SER A 137 -26.85 -1.57 -27.82
C SER A 137 -27.12 -2.35 -29.09
N ARG A 138 -27.89 -1.76 -30.01
CA ARG A 138 -28.18 -2.42 -31.29
C ARG A 138 -26.86 -2.51 -32.07
N TYR A 139 -26.68 -3.58 -32.83
CA TYR A 139 -25.42 -3.71 -33.55
C TYR A 139 -25.47 -4.73 -34.68
N MET A 140 -24.45 -4.67 -35.54
CA MET A 140 -24.29 -5.64 -36.62
C MET A 140 -22.85 -5.63 -37.15
N TYR A 141 -22.41 -6.77 -37.67
CA TYR A 141 -21.06 -6.93 -38.17
C TYR A 141 -20.92 -6.66 -39.68
N ALA A 142 -19.70 -6.33 -40.11
CA ALA A 142 -19.40 -6.04 -41.51
C ALA A 142 -18.07 -6.65 -41.95
N THR A 143 -18.12 -7.50 -42.96
CA THR A 143 -16.93 -8.17 -43.51
C THR A 143 -16.26 -7.32 -44.58
N THR A 144 -17.07 -6.61 -45.36
CA THR A 144 -16.57 -5.77 -46.45
C THR A 144 -17.16 -4.37 -46.44
N LEU A 145 -16.56 -3.46 -47.21
CA LEU A 145 -17.05 -2.08 -47.28
C LEU A 145 -18.53 -2.04 -47.67
N ASP A 146 -18.96 -3.03 -48.46
CA ASP A 146 -20.36 -3.10 -48.88
C ASP A 146 -21.25 -3.41 -47.68
N GLU A 147 -20.83 -4.37 -46.87
CA GLU A 147 -21.59 -4.75 -45.67
C GLU A 147 -21.54 -3.61 -44.66
N LEU A 148 -20.50 -2.80 -44.73
CA LEU A 148 -20.35 -1.68 -43.81
C LEU A 148 -21.38 -0.59 -44.14
N TYR A 149 -21.54 -0.27 -45.42
CA TYR A 149 -22.52 0.73 -45.83
C TYR A 149 -23.90 0.32 -45.37
N GLU A 150 -24.23 -0.96 -45.56
CA GLU A 150 -25.53 -1.45 -45.17
C GLU A 150 -25.74 -1.35 -43.66
N ALA A 151 -24.70 -1.67 -42.90
CA ALA A 151 -24.76 -1.63 -41.43
C ALA A 151 -24.93 -0.23 -40.85
N CYS A 152 -24.11 0.72 -41.28
CA CYS A 152 -24.20 2.09 -40.77
C CYS A 152 -25.52 2.72 -41.15
N GLU A 153 -25.99 2.41 -42.36
CA GLU A 153 -27.24 2.96 -42.85
C GLU A 153 -28.42 2.39 -42.05
N LYS A 154 -28.35 1.11 -41.69
CA LYS A 154 -29.42 0.47 -40.94
C LYS A 154 -29.45 0.83 -39.46
N ILE A 155 -28.28 0.94 -38.83
CA ILE A 155 -28.22 1.30 -37.42
C ILE A 155 -28.64 2.75 -37.21
N GLY A 156 -28.44 3.58 -38.24
CA GLY A 156 -28.81 4.97 -38.15
C GLY A 156 -27.65 5.78 -37.61
N TYR A 157 -27.65 7.10 -37.87
CA TYR A 157 -26.54 7.94 -37.42
C TYR A 157 -26.79 8.69 -36.13
N PRO A 158 -25.73 9.00 -35.39
CA PRO A 158 -24.26 8.90 -35.34
C PRO A 158 -24.09 7.38 -35.24
N CYS A 159 -22.85 6.92 -35.35
CA CYS A 159 -22.63 5.48 -35.36
C CYS A 159 -21.19 5.10 -34.93
N HIS A 160 -21.07 4.11 -34.06
CA HIS A 160 -19.77 3.69 -33.56
C HIS A 160 -19.20 2.49 -34.29
N THR A 161 -17.95 2.60 -34.71
CA THR A 161 -17.34 1.52 -35.44
C THR A 161 -16.02 1.08 -34.77
N LYS A 162 -15.74 -0.22 -34.75
CA LYS A 162 -14.53 -0.78 -34.14
C LYS A 162 -14.17 -2.14 -34.72
N ALA A 163 -12.89 -2.51 -34.65
CA ALA A 163 -12.45 -3.81 -35.16
C ALA A 163 -12.62 -4.87 -34.08
N ILE A 164 -12.67 -6.13 -34.47
CA ILE A 164 -12.82 -7.22 -33.51
C ILE A 164 -11.47 -7.58 -32.89
N MET A 165 -10.41 -7.39 -33.68
CA MET A 165 -9.04 -7.67 -33.24
C MET A 165 -8.83 -9.15 -32.93
N SER A 172 -10.89 1.90 -35.00
CA SER A 172 -12.26 2.33 -34.73
C SER A 172 -12.50 3.76 -35.23
N TYR A 173 -13.77 4.09 -35.52
CA TYR A 173 -14.13 5.42 -36.02
C TYR A 173 -15.55 5.80 -35.60
N PHE A 174 -15.85 7.09 -35.61
CA PHE A 174 -17.17 7.57 -35.24
C PHE A 174 -17.83 8.22 -36.46
N VAL A 175 -18.78 7.51 -37.06
CA VAL A 175 -19.46 8.01 -38.25
C VAL A 175 -20.78 8.71 -37.91
N LYS A 176 -20.97 9.91 -38.41
CA LYS A 176 -22.20 10.65 -38.15
C LYS A 176 -22.99 10.80 -39.45
N GLY A 177 -22.31 10.55 -40.57
CA GLY A 177 -22.97 10.65 -41.86
C GLY A 177 -22.43 9.66 -42.86
N PRO A 178 -23.10 9.48 -44.00
CA PRO A 178 -22.65 8.54 -45.02
C PRO A 178 -21.23 8.82 -45.52
N GLU A 179 -20.75 10.05 -45.31
CA GLU A 179 -19.42 10.44 -45.76
C GLU A 179 -18.28 9.97 -44.86
N ASP A 180 -18.61 9.49 -43.68
CA ASP A 180 -17.60 8.99 -42.75
C ASP A 180 -17.44 7.48 -42.91
N ILE A 181 -18.42 6.86 -43.56
CA ILE A 181 -18.41 5.41 -43.76
C ILE A 181 -17.11 4.92 -44.40
N PRO A 182 -16.69 5.58 -45.50
CA PRO A 182 -15.45 5.16 -46.17
C PRO A 182 -14.24 5.50 -45.30
N LYS A 183 -14.32 6.65 -44.63
CA LYS A 183 -13.24 7.13 -43.76
C LYS A 183 -13.09 6.24 -42.52
N ALA A 184 -14.10 5.41 -42.27
CA ALA A 184 -14.07 4.51 -41.11
C ALA A 184 -13.64 3.10 -41.51
N TRP A 185 -13.37 2.90 -42.79
CA TRP A 185 -12.95 1.60 -43.27
C TRP A 185 -11.56 1.71 -43.92
N GLU A 197 -10.72 -8.12 -42.51
CA GLU A 197 -11.37 -7.15 -41.64
C GLU A 197 -12.74 -7.60 -41.14
N LYS A 198 -13.18 -6.97 -40.06
CA LYS A 198 -14.46 -7.24 -39.44
C LYS A 198 -14.73 -6.09 -38.47
N ILE A 199 -15.76 -5.30 -38.75
CA ILE A 199 -16.12 -4.17 -37.92
C ILE A 199 -17.42 -4.41 -37.15
N ILE A 200 -17.56 -3.75 -36.03
CA ILE A 200 -18.77 -3.88 -35.23
C ILE A 200 -19.41 -2.50 -35.30
N VAL A 201 -20.61 -2.42 -35.84
CA VAL A 201 -21.31 -1.15 -35.96
C VAL A 201 -22.31 -1.07 -34.82
N GLU A 202 -22.16 -0.03 -34.00
CA GLU A 202 -23.04 0.17 -32.86
C GLU A 202 -23.84 1.45 -32.90
N GLU A 203 -25.02 1.39 -32.30
CA GLU A 203 -25.93 2.52 -32.22
C GLU A 203 -25.42 3.46 -31.13
N HIS A 204 -25.50 4.76 -31.36
CA HIS A 204 -25.05 5.70 -30.34
C HIS A 204 -26.12 5.88 -29.27
N ILE A 205 -25.70 5.75 -28.01
CA ILE A 205 -26.60 5.90 -26.88
C ILE A 205 -26.11 7.12 -26.11
N ASP A 206 -26.99 8.10 -25.91
CA ASP A 206 -26.61 9.29 -25.17
C ASP A 206 -26.73 8.95 -23.69
N PHE A 207 -25.73 8.25 -23.17
CA PHE A 207 -25.74 7.83 -21.77
C PHE A 207 -25.30 8.90 -20.77
N ASP A 208 -25.72 8.71 -19.52
CA ASP A 208 -25.35 9.63 -18.45
C ASP A 208 -23.91 9.38 -18.02
N VAL A 209 -23.53 8.11 -17.91
CA VAL A 209 -22.19 7.78 -17.50
C VAL A 209 -21.75 6.35 -17.80
N GLU A 210 -20.45 6.17 -18.00
CA GLU A 210 -19.88 4.86 -18.27
C GLU A 210 -19.44 4.31 -16.92
N VAL A 211 -19.72 3.02 -16.67
CA VAL A 211 -19.33 2.43 -15.41
C VAL A 211 -18.69 1.06 -15.56
N THR A 212 -17.81 0.75 -14.63
CA THR A 212 -17.12 -0.52 -14.57
C THR A 212 -17.60 -1.17 -13.27
N GLU A 213 -18.15 -2.37 -13.34
CA GLU A 213 -18.57 -3.05 -12.13
C GLU A 213 -17.47 -4.08 -11.87
N LEU A 214 -16.80 -3.95 -10.73
CA LEU A 214 -15.68 -4.83 -10.36
C LEU A 214 -16.09 -6.07 -9.58
N ALA A 215 -16.99 -6.83 -10.17
CA ALA A 215 -17.50 -8.05 -9.55
C ALA A 215 -16.39 -9.05 -9.30
N VAL A 216 -16.37 -9.65 -8.10
CA VAL A 216 -15.35 -10.63 -7.77
C VAL A 216 -15.94 -11.99 -7.42
N ARG A 217 -15.42 -13.04 -8.06
CA ARG A 217 -15.87 -14.39 -7.80
C ARG A 217 -14.82 -15.02 -6.85
N HIS A 218 -15.28 -15.41 -5.67
CA HIS A 218 -14.39 -16.01 -4.68
C HIS A 218 -15.15 -17.01 -3.82
N PHE A 219 -14.41 -17.73 -2.98
CA PHE A 219 -15.01 -18.72 -2.09
C PHE A 219 -15.58 -18.12 -0.82
N ASP A 220 -16.65 -18.74 -0.32
CA ASP A 220 -17.24 -18.33 0.95
C ASP A 220 -16.73 -19.40 1.91
N GLU A 221 -17.06 -19.33 3.20
CA GLU A 221 -16.54 -20.33 4.13
C GLU A 221 -16.97 -21.79 3.85
N ASN A 222 -18.01 -21.98 3.04
CA ASN A 222 -18.46 -23.32 2.70
C ASN A 222 -17.69 -23.87 1.52
N GLY A 223 -16.82 -23.05 0.93
CA GLY A 223 -16.03 -23.50 -0.21
C GLY A 223 -16.76 -23.36 -1.53
N GLU A 224 -17.86 -22.63 -1.53
CA GLU A 224 -18.63 -22.41 -2.76
C GLU A 224 -18.30 -21.01 -3.29
N ILE A 225 -18.48 -20.83 -4.59
CA ILE A 225 -18.18 -19.55 -5.18
C ILE A 225 -19.32 -18.55 -5.14
N VAL A 226 -19.08 -17.41 -4.51
CA VAL A 226 -20.05 -16.33 -4.45
C VAL A 226 -19.47 -15.16 -5.25
N THR A 227 -20.32 -14.20 -5.56
CA THR A 227 -19.93 -13.04 -6.32
C THR A 227 -20.29 -11.84 -5.47
N THR A 228 -19.31 -11.01 -5.13
CA THR A 228 -19.63 -9.83 -4.33
C THR A 228 -19.39 -8.58 -5.16
N PHE A 229 -20.19 -7.57 -4.92
CA PHE A 229 -20.07 -6.39 -5.74
C PHE A 229 -19.69 -5.08 -5.07
N PRO A 230 -18.63 -4.43 -5.60
CA PRO A 230 -18.16 -3.14 -5.07
C PRO A 230 -19.08 -2.10 -5.72
N LYS A 231 -19.01 -0.86 -5.23
CA LYS A 231 -19.82 0.20 -5.82
C LYS A 231 -19.38 0.39 -7.26
N PRO A 232 -20.33 0.70 -8.15
CA PRO A 232 -19.99 0.91 -9.56
C PRO A 232 -18.94 2.02 -9.70
N VAL A 233 -18.01 1.84 -10.62
CA VAL A 233 -16.96 2.82 -10.86
C VAL A 233 -17.27 3.62 -12.13
N GLY A 234 -17.30 4.94 -12.01
CA GLY A 234 -17.54 5.79 -13.16
C GLY A 234 -16.25 6.20 -13.85
N HIS A 235 -16.32 6.51 -15.14
CA HIS A 235 -15.11 6.90 -15.87
C HIS A 235 -15.38 7.41 -17.29
N TYR A 236 -14.40 8.11 -17.85
CA TYR A 236 -14.50 8.59 -19.21
C TYR A 236 -13.17 8.35 -19.89
N GLN A 237 -13.21 7.95 -21.15
CA GLN A 237 -12.00 7.65 -21.88
C GLN A 237 -11.70 8.67 -22.98
N ILE A 238 -10.43 9.07 -23.07
CA ILE A 238 -10.00 10.03 -24.08
C ILE A 238 -9.42 9.24 -25.25
N ASP A 239 -10.20 9.12 -26.32
CA ASP A 239 -9.78 8.41 -27.52
C ASP A 239 -9.60 6.93 -27.26
N GLY A 240 -10.57 6.32 -26.59
CA GLY A 240 -10.49 4.90 -26.28
C GLY A 240 -9.44 4.57 -25.22
N ASP A 241 -9.05 5.57 -24.42
CA ASP A 241 -8.06 5.37 -23.39
C ASP A 241 -8.52 5.98 -22.06
N TYR A 242 -8.73 5.12 -21.07
CA TYR A 242 -9.16 5.57 -19.76
C TYR A 242 -8.34 6.80 -19.36
N HIS A 243 -9.04 7.83 -18.88
CA HIS A 243 -8.40 9.08 -18.49
C HIS A 243 -8.66 9.41 -17.02
N ALA A 244 -9.89 9.17 -16.56
CA ALA A 244 -10.24 9.43 -15.16
C ALA A 244 -11.32 8.46 -14.71
N SER A 245 -11.32 8.12 -13.43
CA SER A 245 -12.33 7.21 -12.89
C SER A 245 -12.69 7.69 -11.47
N TRP A 246 -13.82 7.21 -10.95
CA TRP A 246 -14.26 7.60 -9.62
C TRP A 246 -15.26 6.60 -9.04
N GLN A 247 -15.36 6.58 -7.72
CA GLN A 247 -16.30 5.68 -7.04
C GLN A 247 -16.93 6.51 -5.92
N PRO A 248 -18.27 6.42 -5.77
CA PRO A 248 -19.16 5.59 -6.60
C PRO A 248 -19.70 6.40 -7.76
N ALA A 249 -20.13 5.73 -8.82
CA ALA A 249 -20.69 6.42 -9.97
C ALA A 249 -22.03 7.04 -9.54
N GLU A 250 -22.28 8.28 -9.98
CA GLU A 250 -23.49 8.96 -9.59
C GLU A 250 -24.70 8.50 -10.40
N ILE A 251 -25.21 7.34 -10.00
CA ILE A 251 -26.34 6.71 -10.65
C ILE A 251 -27.43 6.46 -9.61
N SER A 252 -28.64 6.18 -10.07
CA SER A 252 -29.78 5.93 -9.19
C SER A 252 -29.70 4.54 -8.62
N GLU A 253 -30.37 4.31 -7.49
CA GLU A 253 -30.34 3.01 -6.86
C GLU A 253 -30.89 1.95 -7.78
N LYS A 254 -31.94 2.28 -8.53
CA LYS A 254 -32.53 1.33 -9.45
C LYS A 254 -31.49 0.86 -10.47
N ALA A 255 -30.78 1.81 -11.06
CA ALA A 255 -29.77 1.44 -12.05
C ALA A 255 -28.62 0.65 -11.40
N GLU A 256 -28.28 1.01 -10.16
CA GLU A 256 -27.23 0.33 -9.43
C GLU A 256 -27.55 -1.15 -9.28
N ARG A 257 -28.79 -1.45 -8.91
CA ARG A 257 -29.21 -2.83 -8.77
C ARG A 257 -29.20 -3.52 -10.13
N GLU A 258 -29.50 -2.75 -11.18
CA GLU A 258 -29.50 -3.33 -12.50
C GLU A 258 -28.05 -3.58 -12.96
N VAL A 259 -27.10 -2.77 -12.46
CA VAL A 259 -25.68 -2.95 -12.79
C VAL A 259 -25.19 -4.27 -12.18
N TYR A 260 -25.59 -4.53 -10.94
CA TYR A 260 -25.17 -5.75 -10.26
C TYR A 260 -25.80 -6.96 -10.95
N ARG A 261 -27.07 -6.81 -11.35
CA ARG A 261 -27.77 -7.90 -12.02
C ARG A 261 -27.11 -8.32 -13.33
N ILE A 262 -26.79 -7.35 -14.17
CA ILE A 262 -26.15 -7.63 -15.45
C ILE A 262 -24.76 -8.24 -15.21
N ALA A 263 -24.00 -7.66 -14.30
CA ALA A 263 -22.66 -8.14 -14.00
C ALA A 263 -22.71 -9.60 -13.56
N LYS A 264 -23.67 -9.92 -12.68
CA LYS A 264 -23.83 -11.28 -12.18
C LYS A 264 -24.04 -12.28 -13.33
N ARG A 265 -24.89 -11.91 -14.29
CA ARG A 265 -25.15 -12.79 -15.42
C ARG A 265 -23.88 -12.98 -16.23
N ILE A 266 -23.10 -11.91 -16.39
CA ILE A 266 -21.86 -12.00 -17.14
C ILE A 266 -20.85 -12.90 -16.44
N THR A 267 -20.57 -12.62 -15.16
CA THR A 267 -19.60 -13.44 -14.44
C THR A 267 -20.06 -14.89 -14.24
N ASP A 268 -21.36 -15.10 -14.08
CA ASP A 268 -21.89 -16.47 -13.94
C ASP A 268 -21.50 -17.31 -15.16
N VAL A 269 -21.56 -16.70 -16.35
CA VAL A 269 -21.18 -17.40 -17.59
C VAL A 269 -19.66 -17.59 -17.67
N LEU A 270 -18.90 -16.56 -17.32
CA LEU A 270 -17.44 -16.67 -17.41
C LEU A 270 -16.87 -17.66 -16.40
N GLY A 271 -17.37 -17.61 -15.16
CA GLY A 271 -16.91 -18.55 -14.15
C GLY A 271 -15.52 -18.30 -13.57
N GLY A 272 -15.00 -19.31 -12.89
CA GLY A 272 -13.68 -19.23 -12.28
C GLY A 272 -13.62 -18.34 -11.05
N LEU A 273 -12.40 -17.91 -10.73
CA LEU A 273 -12.14 -17.07 -9.57
C LEU A 273 -11.38 -15.81 -10.02
N GLY A 274 -11.73 -14.67 -9.45
CA GLY A 274 -11.05 -13.43 -9.80
C GLY A 274 -12.00 -12.25 -9.91
N ILE A 275 -11.43 -11.06 -10.02
CA ILE A 275 -12.22 -9.85 -10.15
C ILE A 275 -12.46 -9.61 -11.65
N PHE A 276 -13.62 -9.07 -12.00
CA PHE A 276 -13.94 -8.80 -13.39
C PHE A 276 -14.22 -7.32 -13.58
N GLY A 277 -13.94 -6.81 -14.77
CA GLY A 277 -14.22 -5.42 -15.05
C GLY A 277 -15.38 -5.43 -16.04
N VAL A 278 -16.60 -5.43 -15.53
CA VAL A 278 -17.77 -5.46 -16.41
C VAL A 278 -18.09 -4.03 -16.77
N GLU A 279 -18.03 -3.76 -18.07
CA GLU A 279 -18.25 -2.43 -18.61
C GLU A 279 -19.70 -2.24 -19.05
N MET A 280 -20.32 -1.17 -18.55
CA MET A 280 -21.72 -0.86 -18.88
C MET A 280 -21.98 0.63 -19.13
N PHE A 281 -23.13 0.93 -19.73
CA PHE A 281 -23.58 2.31 -20.02
C PHE A 281 -24.84 2.56 -19.21
N VAL A 282 -24.92 3.71 -18.55
CA VAL A 282 -26.12 4.03 -17.77
C VAL A 282 -26.79 5.33 -18.22
N LYS A 283 -28.09 5.24 -18.46
CA LYS A 283 -28.91 6.39 -18.87
C LYS A 283 -30.15 6.30 -17.98
N GLY A 284 -30.27 7.23 -17.03
CA GLY A 284 -31.40 7.18 -16.13
C GLY A 284 -31.35 5.88 -15.34
N ASP A 285 -32.39 5.06 -15.47
CA ASP A 285 -32.45 3.77 -14.78
C ASP A 285 -32.11 2.64 -15.72
N LYS A 286 -31.83 2.99 -16.97
CA LYS A 286 -31.50 1.97 -17.97
C LYS A 286 -30.01 1.68 -18.01
N VAL A 287 -29.69 0.40 -18.24
CA VAL A 287 -28.31 -0.06 -18.29
C VAL A 287 -28.07 -1.02 -19.44
N TRP A 288 -27.04 -0.73 -20.23
CA TRP A 288 -26.65 -1.58 -21.36
C TRP A 288 -25.28 -2.18 -21.03
N ALA A 289 -25.07 -3.45 -21.39
CA ALA A 289 -23.78 -4.08 -21.17
C ALA A 289 -22.97 -3.84 -22.44
N ASN A 290 -21.71 -3.45 -22.28
CA ASN A 290 -20.84 -3.18 -23.43
C ASN A 290 -19.81 -4.30 -23.61
N GLU A 291 -18.92 -4.46 -22.64
CA GLU A 291 -17.92 -5.50 -22.71
C GLU A 291 -17.34 -5.85 -21.34
N VAL A 292 -16.43 -6.82 -21.30
CA VAL A 292 -15.86 -7.23 -20.04
C VAL A 292 -14.46 -7.82 -20.12
N SER A 293 -13.61 -7.43 -19.18
CA SER A 293 -12.26 -8.00 -19.13
C SER A 293 -12.19 -8.87 -17.87
N PRO A 294 -11.75 -10.13 -18.03
CA PRO A 294 -11.64 -11.07 -16.90
C PRO A 294 -10.36 -10.89 -16.06
N ARG A 295 -10.18 -9.68 -15.51
CA ARG A 295 -9.00 -9.38 -14.71
C ARG A 295 -9.17 -7.94 -14.21
N PRO A 296 -8.27 -7.48 -13.32
CA PRO A 296 -8.38 -6.11 -12.80
C PRO A 296 -8.33 -5.13 -13.98
N HIS A 297 -9.08 -4.04 -13.87
CA HIS A 297 -9.17 -3.06 -14.94
C HIS A 297 -8.61 -1.71 -14.51
N ASP A 298 -8.01 -0.97 -15.45
CA ASP A 298 -7.41 0.31 -15.10
C ASP A 298 -8.32 1.31 -14.38
N THR A 299 -9.58 1.43 -14.80
CA THR A 299 -10.48 2.36 -14.13
C THR A 299 -10.57 2.00 -12.64
N GLY A 300 -10.36 0.71 -12.35
CA GLY A 300 -10.42 0.24 -10.97
C GLY A 300 -9.30 0.71 -10.04
N MET A 301 -8.33 1.46 -10.56
CA MET A 301 -7.27 1.96 -9.69
C MET A 301 -7.81 2.91 -8.61
N VAL A 302 -8.99 3.48 -8.85
CA VAL A 302 -9.58 4.38 -7.86
C VAL A 302 -9.72 3.64 -6.52
N THR A 303 -9.91 2.30 -6.58
CA THR A 303 -10.06 1.52 -5.34
C THR A 303 -8.80 1.50 -4.50
N LEU A 304 -7.72 2.07 -5.03
CA LEU A 304 -6.48 2.15 -4.27
C LEU A 304 -6.74 3.14 -3.13
N ALA A 305 -7.75 4.00 -3.32
CA ALA A 305 -8.09 4.99 -2.29
C ALA A 305 -9.52 4.85 -1.75
N SER A 306 -10.47 4.46 -2.61
CA SER A 306 -11.86 4.32 -2.19
C SER A 306 -12.17 3.06 -1.40
N HIS A 307 -11.33 2.04 -1.54
CA HIS A 307 -11.52 0.83 -0.77
C HIS A 307 -10.54 0.91 0.37
N PRO A 308 -10.83 0.22 1.48
CA PRO A 308 -9.91 0.26 2.63
C PRO A 308 -8.66 -0.55 2.28
N PRO A 309 -7.60 -0.39 3.08
CA PRO A 309 -6.36 -1.11 2.83
C PRO A 309 -6.51 -2.64 2.75
N GLY A 310 -5.79 -3.22 1.79
CA GLY A 310 -5.85 -4.66 1.58
C GLY A 310 -7.09 -5.09 0.83
N PHE A 311 -7.86 -4.13 0.32
CA PHE A 311 -9.08 -4.46 -0.40
C PHE A 311 -9.33 -3.78 -1.74
N SER A 312 -8.28 -3.24 -2.35
CA SER A 312 -8.43 -2.65 -3.66
C SER A 312 -8.75 -3.83 -4.59
N GLU A 313 -9.13 -3.53 -5.83
CA GLU A 313 -9.45 -4.58 -6.80
C GLU A 313 -8.26 -5.54 -6.97
N PHE A 314 -7.05 -5.06 -6.68
CA PHE A 314 -5.87 -5.88 -6.83
C PHE A 314 -5.76 -6.90 -5.69
N ALA A 315 -6.02 -6.44 -4.46
CA ALA A 315 -5.99 -7.31 -3.28
C ALA A 315 -7.18 -8.27 -3.35
N LEU A 316 -8.32 -7.78 -3.85
CA LEU A 316 -9.52 -8.59 -4.00
C LEU A 316 -9.24 -9.69 -5.02
N HIS A 317 -8.54 -9.33 -6.09
CA HIS A 317 -8.22 -10.29 -7.13
C HIS A 317 -7.28 -11.36 -6.54
N LEU A 318 -6.20 -10.91 -5.91
CA LEU A 318 -5.21 -11.80 -5.30
C LEU A 318 -5.87 -12.79 -4.35
N ARG A 319 -6.60 -12.25 -3.38
CA ARG A 319 -7.29 -13.08 -2.38
C ARG A 319 -8.18 -14.10 -3.03
N ALA A 320 -8.95 -13.64 -4.01
CA ALA A 320 -9.87 -14.52 -4.69
C ALA A 320 -9.15 -15.72 -5.36
N VAL A 321 -8.06 -15.44 -6.07
CA VAL A 321 -7.36 -16.49 -6.79
C VAL A 321 -6.45 -17.39 -5.97
N LEU A 322 -6.20 -17.01 -4.72
CA LEU A 322 -5.39 -17.84 -3.83
C LEU A 322 -6.39 -18.72 -3.08
N GLY A 323 -7.68 -18.42 -3.23
CA GLY A 323 -8.70 -19.21 -2.56
C GLY A 323 -9.08 -18.69 -1.19
N LEU A 324 -8.71 -17.44 -0.92
CA LEU A 324 -9.00 -16.81 0.36
C LEU A 324 -10.36 -16.12 0.34
N PRO A 325 -10.98 -15.95 1.51
CA PRO A 325 -12.29 -15.29 1.57
C PRO A 325 -12.19 -13.78 1.43
N ILE A 326 -13.34 -13.15 1.26
CA ILE A 326 -13.44 -11.70 1.16
C ILE A 326 -14.70 -11.31 1.93
N PRO A 327 -14.55 -10.48 2.98
CA PRO A 327 -15.73 -10.07 3.77
C PRO A 327 -16.67 -9.26 2.92
N GLY A 328 -17.97 -9.49 3.11
CA GLY A 328 -18.96 -8.76 2.35
C GLY A 328 -20.07 -8.20 3.23
N GLU A 329 -21.15 -7.80 2.59
CA GLU A 329 -22.31 -7.26 3.28
C GLU A 329 -23.53 -7.50 2.41
N TRP A 330 -24.36 -8.48 2.80
CA TRP A 330 -25.56 -8.80 2.05
C TRP A 330 -26.58 -7.67 2.17
N VAL A 331 -27.21 -7.32 1.05
CA VAL A 331 -28.23 -6.28 1.05
C VAL A 331 -29.17 -6.43 -0.16
N ASP A 332 -30.34 -6.98 0.11
CA ASP A 332 -31.37 -7.21 -0.90
C ASP A 332 -30.96 -8.25 -1.92
N GLY A 333 -30.46 -9.38 -1.43
CA GLY A 333 -30.04 -10.45 -2.33
C GLY A 333 -28.63 -10.36 -2.87
N TYR A 334 -28.01 -9.18 -2.84
CA TYR A 334 -26.66 -9.05 -3.35
C TYR A 334 -25.61 -8.89 -2.25
N ARG A 335 -24.51 -9.61 -2.41
CA ARG A 335 -23.41 -9.54 -1.47
C ARG A 335 -22.53 -8.38 -1.97
N LEU A 336 -22.57 -7.26 -1.25
CA LEU A 336 -21.81 -6.05 -1.62
C LEU A 336 -20.49 -5.90 -0.89
N PHE A 337 -19.56 -5.15 -1.49
CA PHE A 337 -18.30 -4.87 -0.83
C PHE A 337 -18.33 -3.39 -0.47
N PRO A 338 -18.47 -3.08 0.83
CA PRO A 338 -18.53 -1.68 1.31
C PRO A 338 -17.38 -0.78 0.90
N MET A 339 -17.74 0.42 0.46
CA MET A 339 -16.78 1.43 0.06
C MET A 339 -16.37 2.19 1.32
N LEU A 340 -15.13 2.66 1.37
CA LEU A 340 -14.63 3.36 2.54
C LEU A 340 -14.82 4.87 2.43
N ILE A 341 -14.43 5.43 1.29
CA ILE A 341 -14.55 6.86 1.05
C ILE A 341 -14.57 7.11 -0.47
N PRO A 342 -15.34 8.11 -0.92
CA PRO A 342 -15.37 8.37 -2.36
C PRO A 342 -13.98 8.85 -2.79
N ALA A 343 -13.58 8.48 -4.00
CA ALA A 343 -12.29 8.86 -4.52
C ALA A 343 -12.32 8.93 -6.03
N ALA A 344 -11.20 9.33 -6.62
CA ALA A 344 -11.11 9.44 -8.06
C ALA A 344 -9.65 9.42 -8.47
N THR A 345 -9.40 9.10 -9.74
CA THR A 345 -8.03 9.10 -10.24
C THR A 345 -8.01 9.87 -11.54
N HIS A 346 -6.82 10.24 -11.97
CA HIS A 346 -6.61 10.92 -13.23
C HIS A 346 -5.23 10.45 -13.69
N VAL A 347 -5.13 10.06 -14.95
CA VAL A 347 -3.88 9.57 -15.51
C VAL A 347 -2.83 10.67 -15.72
N ILE A 348 -1.58 10.26 -15.76
CA ILE A 348 -0.44 11.13 -16.01
C ILE A 348 0.15 10.46 -17.24
N LYS A 349 -0.16 11.01 -18.42
CA LYS A 349 0.27 10.49 -19.72
C LYS A 349 1.49 11.20 -20.26
N ALA A 350 2.36 10.46 -20.94
CA ALA A 350 3.55 11.06 -21.52
C ALA A 350 3.22 11.61 -22.90
N LYS A 351 3.84 12.75 -23.22
CA LYS A 351 3.65 13.38 -24.52
C LYS A 351 5.00 13.39 -25.23
N VAL A 352 5.94 12.56 -24.76
CA VAL A 352 7.28 12.48 -25.34
C VAL A 352 7.82 11.05 -25.29
N SER A 353 8.94 10.81 -25.95
CA SER A 353 9.54 9.49 -25.94
C SER A 353 10.92 9.60 -25.31
N GLY A 354 11.50 8.46 -24.94
CA GLY A 354 12.81 8.49 -24.34
C GLY A 354 12.95 7.75 -23.03
N TYR A 355 14.21 7.54 -22.65
CA TYR A 355 14.56 6.83 -21.44
C TYR A 355 14.64 7.72 -20.19
N SER A 356 14.57 7.09 -19.01
CA SER A 356 14.66 7.80 -17.72
C SER A 356 13.70 8.97 -17.54
N PRO A 357 12.39 8.69 -17.50
CA PRO A 357 11.47 9.80 -17.32
C PRO A 357 11.68 10.51 -15.99
N ARG A 358 11.29 11.77 -15.91
CA ARG A 358 11.37 12.50 -14.64
C ARG A 358 10.16 13.42 -14.61
N PHE A 359 9.69 13.70 -13.39
CA PHE A 359 8.50 14.51 -13.18
C PHE A 359 8.80 15.72 -12.30
N ARG A 360 8.19 16.87 -12.61
CA ARG A 360 8.36 18.09 -11.83
C ARG A 360 6.98 18.68 -11.50
N GLY A 361 6.96 19.71 -10.65
CA GLY A 361 5.71 20.32 -10.27
C GLY A 361 5.16 19.62 -9.04
N LEU A 362 6.01 18.85 -8.38
CA LEU A 362 5.59 18.09 -7.20
C LEU A 362 5.36 18.96 -5.97
N VAL A 363 6.07 20.09 -5.88
CA VAL A 363 5.87 20.98 -4.73
C VAL A 363 4.40 21.40 -4.64
N LYS A 364 3.82 21.77 -5.79
CA LYS A 364 2.42 22.18 -5.81
C LYS A 364 1.47 20.98 -5.90
N ALA A 365 1.84 20.00 -6.72
CA ALA A 365 1.02 18.81 -6.86
C ALA A 365 0.85 18.02 -5.58
N LEU A 366 1.93 17.91 -4.80
CA LEU A 366 1.90 17.14 -3.56
C LEU A 366 1.53 17.93 -2.32
N SER A 367 1.19 19.20 -2.49
CA SER A 367 0.77 20.02 -1.35
C SER A 367 -0.76 20.04 -1.28
N VAL A 368 -1.41 19.51 -2.32
CA VAL A 368 -2.87 19.47 -2.36
C VAL A 368 -3.41 18.46 -1.34
N PRO A 369 -4.29 18.91 -0.44
CA PRO A 369 -4.86 18.02 0.57
C PRO A 369 -5.70 16.87 0.01
N ASN A 370 -5.71 15.75 0.74
CA ASN A 370 -6.48 14.57 0.38
C ASN A 370 -6.20 14.02 -1.02
N ALA A 371 -4.93 14.02 -1.40
CA ALA A 371 -4.55 13.49 -2.69
C ALA A 371 -3.10 13.05 -2.63
N THR A 372 -2.67 12.37 -3.69
CA THR A 372 -1.30 11.94 -3.80
C THR A 372 -1.15 11.39 -5.20
N VAL A 373 0.07 10.99 -5.57
CA VAL A 373 0.28 10.43 -6.88
C VAL A 373 0.96 9.07 -6.74
N ARG A 374 0.98 8.32 -7.83
CA ARG A 374 1.68 7.04 -7.87
C ARG A 374 2.41 7.09 -9.20
N LEU A 375 3.72 6.83 -9.16
CA LEU A 375 4.52 6.85 -10.37
C LEU A 375 4.94 5.40 -10.55
N PHE A 376 4.55 4.84 -11.69
CA PHE A 376 4.76 3.43 -11.99
C PHE A 376 6.15 2.86 -12.12
N GLY A 377 7.13 3.72 -12.42
CA GLY A 377 8.50 3.25 -12.53
C GLY A 377 8.86 2.73 -13.91
N LYS A 378 8.02 2.99 -14.90
CA LYS A 378 8.35 2.52 -16.25
C LYS A 378 9.64 3.20 -16.63
N PRO A 379 10.64 2.42 -17.06
CA PRO A 379 11.97 2.88 -17.46
C PRO A 379 12.02 3.76 -18.70
N GLU A 380 10.97 3.68 -19.51
CA GLU A 380 10.95 4.40 -20.76
C GLU A 380 9.58 4.96 -21.09
N ALA A 381 9.54 6.02 -21.88
CA ALA A 381 8.28 6.60 -22.26
C ALA A 381 8.11 6.60 -23.76
N TYR A 382 6.86 6.62 -24.20
CA TYR A 382 6.51 6.73 -25.61
C TYR A 382 5.26 7.61 -25.58
N VAL A 383 4.99 8.32 -26.67
CA VAL A 383 3.84 9.21 -26.71
C VAL A 383 2.55 8.46 -26.39
N GLY A 384 1.90 8.87 -25.29
CA GLY A 384 0.66 8.24 -24.88
C GLY A 384 0.78 7.23 -23.74
N ARG A 385 2.00 6.80 -23.45
CA ARG A 385 2.19 5.82 -22.38
C ARG A 385 1.77 6.38 -21.02
N ARG A 386 0.97 5.62 -20.28
CA ARG A 386 0.53 6.07 -18.95
C ARG A 386 1.73 5.88 -18.02
N LEU A 387 2.15 6.95 -17.36
CA LEU A 387 3.33 6.92 -16.50
C LEU A 387 3.08 6.96 -14.99
N GLY A 388 1.82 7.21 -14.63
CA GLY A 388 1.41 7.26 -13.23
C GLY A 388 -0.04 7.76 -13.16
N ILE A 389 -0.53 8.02 -11.95
CA ILE A 389 -1.88 8.56 -11.77
C ILE A 389 -1.88 9.47 -10.55
N ALA A 390 -2.88 10.34 -10.50
CA ALA A 390 -3.07 11.21 -9.34
C ALA A 390 -4.26 10.50 -8.71
N LEU A 391 -4.26 10.45 -7.39
CA LEU A 391 -5.30 9.80 -6.58
C LEU A 391 -5.82 10.87 -5.64
N ALA A 392 -7.15 10.96 -5.50
CA ALA A 392 -7.77 11.94 -4.62
C ALA A 392 -9.03 11.36 -3.96
N TRP A 393 -9.34 11.83 -2.76
CA TRP A 393 -10.51 11.34 -2.05
C TRP A 393 -11.21 12.47 -1.30
N ASP A 394 -12.52 12.32 -1.14
CA ASP A 394 -13.33 13.32 -0.47
C ASP A 394 -14.74 12.76 -0.25
N LYS A 395 -15.44 13.35 0.71
CA LYS A 395 -16.80 12.94 1.04
C LYS A 395 -17.68 13.18 -0.19
N ASP A 396 -17.29 14.15 -1.02
CA ASP A 396 -18.03 14.47 -2.21
C ASP A 396 -17.25 13.97 -3.42
N VAL A 397 -17.75 12.92 -4.06
CA VAL A 397 -17.06 12.37 -5.21
C VAL A 397 -16.70 13.42 -6.25
N GLU A 398 -17.55 14.43 -6.42
CA GLU A 398 -17.26 15.46 -7.42
C GLU A 398 -16.05 16.30 -7.06
N VAL A 399 -15.80 16.48 -5.77
CA VAL A 399 -14.64 17.23 -5.34
C VAL A 399 -13.40 16.38 -5.65
N ALA A 400 -13.46 15.09 -5.28
CA ALA A 400 -12.36 14.18 -5.52
C ALA A 400 -11.96 14.17 -6.98
N LYS A 401 -12.95 14.05 -7.87
CA LYS A 401 -12.68 14.03 -9.30
C LYS A 401 -11.90 15.25 -9.74
N ARG A 402 -12.42 16.42 -9.39
CA ARG A 402 -11.79 17.68 -9.76
C ARG A 402 -10.38 17.76 -9.16
N LYS A 403 -10.22 17.33 -7.92
CA LYS A 403 -8.91 17.38 -7.29
C LYS A 403 -7.89 16.46 -7.97
N ALA A 404 -8.33 15.26 -8.36
CA ALA A 404 -7.43 14.33 -9.05
C ALA A 404 -6.97 14.96 -10.37
N GLU A 405 -7.89 15.59 -11.09
CA GLU A 405 -7.53 16.22 -12.35
C GLU A 405 -6.56 17.37 -12.12
N MET A 406 -6.79 18.15 -11.09
CA MET A 406 -5.91 19.28 -10.80
C MET A 406 -4.49 18.83 -10.41
N VAL A 407 -4.39 17.76 -9.62
CA VAL A 407 -3.07 17.25 -9.21
C VAL A 407 -2.32 16.72 -10.42
N ALA A 408 -3.02 15.99 -11.28
CA ALA A 408 -2.37 15.45 -12.46
C ALA A 408 -1.89 16.56 -13.36
N HIS A 409 -2.71 17.58 -13.54
CA HIS A 409 -2.33 18.67 -14.43
C HIS A 409 -1.23 19.60 -13.93
N MET A 410 -0.88 19.52 -12.64
CA MET A 410 0.20 20.35 -12.12
C MET A 410 1.55 19.69 -12.39
N ILE A 411 1.53 18.49 -12.97
CA ILE A 411 2.75 17.74 -13.23
C ILE A 411 3.29 17.77 -14.66
N GLU A 412 4.60 17.96 -14.80
CA GLU A 412 5.25 17.98 -16.13
C GLU A 412 6.23 16.82 -16.22
N LEU A 413 6.33 16.24 -17.40
CA LEU A 413 7.21 15.10 -17.66
C LEU A 413 8.30 15.46 -18.64
N ARG A 414 9.42 14.77 -18.50
CA ARG A 414 10.56 14.97 -19.34
C ARG A 414 11.23 13.61 -19.47
N THR A 415 12.01 13.46 -20.53
CA THR A 415 12.74 12.24 -20.80
C THR A 415 14.22 12.66 -20.89
N ARG A 416 15.14 11.71 -21.02
CA ARG A 416 16.57 12.00 -21.12
C ARG A 416 16.86 12.81 -22.37
N SER A 417 16.11 12.50 -23.42
CA SER A 417 16.28 13.16 -24.70
C SER A 417 15.08 14.00 -25.14
N SER A 418 14.45 14.72 -24.24
CA SER A 418 13.32 15.57 -24.61
C SER A 418 13.21 16.76 -23.65
N ASP A 419 12.25 17.63 -23.91
CA ASP A 419 12.02 18.79 -23.05
C ASP A 419 10.79 18.55 -22.20
N TRP A 420 10.57 19.43 -21.22
CA TRP A 420 9.41 19.31 -20.36
C TRP A 420 8.11 19.58 -21.12
N HIS A 421 7.08 18.81 -20.78
CA HIS A 421 5.76 18.94 -21.39
C HIS A 421 4.73 18.76 -20.28
N ASP A 422 3.56 19.38 -20.43
CA ASP A 422 2.51 19.27 -19.40
C ASP A 422 1.35 18.33 -19.77
N GLN A 423 0.43 18.16 -18.81
CA GLN A 423 -0.75 17.29 -18.94
C GLN A 423 -0.43 15.80 -18.77
N VAL B 2 22.69 20.89 10.52
CA VAL B 2 21.37 21.33 9.95
C VAL B 2 21.06 20.51 8.72
N VAL B 3 19.80 20.57 8.28
CA VAL B 3 19.39 19.81 7.11
C VAL B 3 20.19 20.20 5.88
N MET B 4 20.75 19.19 5.23
CA MET B 4 21.56 19.42 4.04
C MET B 4 20.79 19.47 2.72
N ILE B 5 19.63 18.84 2.60
CA ILE B 5 18.89 18.93 1.33
C ILE B 5 17.89 20.08 1.36
N LYS B 6 17.18 20.29 0.26
CA LYS B 6 16.17 21.36 0.15
C LYS B 6 14.83 20.86 -0.42
N LEU B 7 13.83 21.75 -0.45
CA LEU B 7 12.50 21.48 -0.97
C LEU B 7 12.66 20.74 -2.28
N ARG B 8 11.91 19.66 -2.47
CA ARG B 8 12.05 18.88 -3.69
C ARG B 8 10.83 19.03 -4.59
N ASP B 9 11.07 19.32 -5.87
CA ASP B 9 9.98 19.50 -6.83
C ASP B 9 9.99 18.46 -7.95
N GLU B 10 11.02 17.62 -7.96
CA GLU B 10 11.15 16.63 -9.03
C GLU B 10 11.56 15.22 -8.58
N LEU B 11 11.18 14.24 -9.39
CA LEU B 11 11.52 12.85 -9.14
C LEU B 11 11.83 12.14 -10.45
N GLY B 12 12.87 11.31 -10.42
CA GLY B 12 13.26 10.54 -11.59
C GLY B 12 12.61 9.17 -11.52
N THR B 13 13.17 8.19 -12.23
CA THR B 13 12.60 6.84 -12.29
C THR B 13 13.56 5.73 -11.87
N ALA B 14 13.15 4.94 -10.89
CA ALA B 14 13.94 3.82 -10.41
C ALA B 14 14.44 2.98 -11.59
N THR B 15 15.65 2.44 -11.46
CA THR B 15 16.35 1.61 -12.44
C THR B 15 16.91 2.37 -13.64
N THR B 16 16.68 3.68 -13.70
CA THR B 16 17.24 4.51 -14.80
C THR B 16 18.24 5.50 -14.17
N ASP B 17 18.97 6.25 -15.00
CA ASP B 17 19.95 7.19 -14.47
C ASP B 17 19.34 8.42 -13.79
N SER B 18 18.02 8.63 -13.92
CA SER B 18 17.38 9.79 -13.27
C SER B 18 16.82 9.41 -11.90
N ALA B 19 17.04 8.17 -11.47
CA ALA B 19 16.51 7.70 -10.18
C ALA B 19 16.97 8.40 -8.90
N GLN B 20 16.06 8.52 -7.95
CA GLN B 20 16.40 9.03 -6.63
C GLN B 20 16.61 7.67 -5.95
N LYS B 21 17.30 7.62 -4.84
CA LYS B 21 17.54 6.35 -4.20
C LYS B 21 17.65 6.42 -2.70
N ILE B 22 16.98 5.52 -2.01
CA ILE B 22 17.10 5.50 -0.57
C ILE B 22 17.83 4.21 -0.18
N LEU B 23 18.48 4.26 0.98
CA LEU B 23 19.23 3.14 1.53
C LEU B 23 18.62 2.91 2.90
N LEU B 24 18.10 1.71 3.10
CA LEU B 24 17.48 1.31 4.36
C LEU B 24 18.46 0.50 5.19
N LEU B 25 18.82 1.00 6.37
CA LEU B 25 19.71 0.28 7.25
C LEU B 25 18.78 -0.41 8.24
N GLY B 26 18.46 -1.66 7.91
CA GLY B 26 17.53 -2.45 8.69
C GLY B 26 16.37 -2.70 7.74
N SER B 27 16.01 -3.96 7.52
CA SER B 27 14.94 -4.29 6.59
C SER B 27 13.77 -5.09 7.15
N GLY B 28 13.41 -4.80 8.40
CA GLY B 28 12.28 -5.48 9.03
C GLY B 28 10.96 -4.96 8.48
N GLU B 29 9.87 -5.22 9.19
CA GLU B 29 8.54 -4.79 8.72
C GLU B 29 8.37 -3.29 8.48
N LEU B 30 9.07 -2.46 9.25
CA LEU B 30 8.98 -1.00 9.09
C LEU B 30 9.66 -0.56 7.80
N GLY B 31 10.86 -1.07 7.57
CA GLY B 31 11.56 -0.73 6.33
C GLY B 31 10.75 -1.24 5.14
N LYS B 32 10.03 -2.33 5.35
CA LYS B 32 9.24 -2.93 4.27
C LYS B 32 8.20 -1.97 3.71
N GLU B 33 7.45 -1.31 4.59
CA GLU B 33 6.42 -0.38 4.16
C GLU B 33 7.03 0.90 3.60
N ILE B 34 8.24 1.26 4.06
CA ILE B 34 8.95 2.43 3.51
C ILE B 34 9.25 2.07 2.06
N ALA B 35 9.75 0.84 1.88
CA ALA B 35 10.10 0.30 0.55
C ALA B 35 8.90 0.27 -0.39
N ILE B 36 7.71 -0.05 0.15
CA ILE B 36 6.51 -0.10 -0.67
C ILE B 36 6.09 1.30 -1.18
N GLU B 37 6.12 2.31 -0.31
CA GLU B 37 5.76 3.64 -0.76
C GLU B 37 6.81 4.17 -1.72
N ALA B 38 8.08 3.83 -1.48
CA ALA B 38 9.12 4.30 -2.38
C ALA B 38 8.89 3.71 -3.79
N GLN B 39 8.54 2.42 -3.85
CA GLN B 39 8.26 1.75 -5.13
C GLN B 39 7.05 2.38 -5.81
N ARG B 40 6.08 2.79 -5.00
CA ARG B 40 4.89 3.41 -5.56
C ARG B 40 5.14 4.83 -6.09
N LEU B 41 6.32 5.37 -5.80
CA LEU B 41 6.71 6.71 -6.26
C LEU B 41 7.83 6.60 -7.28
N GLY B 42 8.15 5.37 -7.67
CA GLY B 42 9.18 5.16 -8.67
C GLY B 42 10.58 5.47 -8.15
N VAL B 43 10.75 5.33 -6.84
CA VAL B 43 12.01 5.60 -6.16
C VAL B 43 12.79 4.30 -5.97
N GLU B 44 14.07 4.33 -6.28
CA GLU B 44 14.91 3.14 -6.16
C GLU B 44 15.22 2.86 -4.70
N VAL B 45 15.12 1.59 -4.31
CA VAL B 45 15.33 1.17 -2.95
C VAL B 45 16.44 0.14 -2.78
N VAL B 46 17.35 0.39 -1.83
CA VAL B 46 18.42 -0.53 -1.52
C VAL B 46 18.23 -0.88 -0.05
N ALA B 47 18.02 -2.16 0.22
CA ALA B 47 17.77 -2.64 1.57
C ALA B 47 18.97 -3.39 2.15
N VAL B 48 19.29 -3.06 3.40
CA VAL B 48 20.43 -3.64 4.08
C VAL B 48 20.07 -4.24 5.43
N ASP B 49 20.66 -5.37 5.77
CA ASP B 49 20.41 -5.99 7.07
C ASP B 49 21.42 -7.13 7.29
N ARG B 50 21.32 -7.78 8.45
CA ARG B 50 22.22 -8.86 8.81
C ARG B 50 21.86 -10.25 8.28
N TYR B 51 20.70 -10.40 7.64
CA TYR B 51 20.31 -11.71 7.08
C TYR B 51 19.62 -11.49 5.75
N ALA B 52 19.68 -12.48 4.86
CA ALA B 52 19.11 -12.38 3.53
C ALA B 52 17.57 -12.48 3.49
N ASN B 53 16.98 -11.94 2.43
CA ASN B 53 15.53 -11.97 2.23
C ASN B 53 14.73 -11.41 3.40
N ALA B 54 15.28 -10.41 4.06
CA ALA B 54 14.58 -9.75 5.13
C ALA B 54 13.42 -9.07 4.41
N PRO B 55 12.31 -8.82 5.11
CA PRO B 55 11.12 -8.18 4.56
C PRO B 55 11.32 -7.07 3.52
N ALA B 56 12.13 -6.07 3.85
CA ALA B 56 12.32 -4.95 2.91
C ALA B 56 13.13 -5.32 1.68
N MET B 57 14.01 -6.31 1.80
CA MET B 57 14.82 -6.77 0.67
C MET B 57 13.96 -7.44 -0.38
N GLN B 58 12.94 -8.17 0.07
CA GLN B 58 12.05 -8.84 -0.87
C GLN B 58 11.35 -7.81 -1.77
N VAL B 59 11.10 -6.63 -1.22
CA VAL B 59 10.43 -5.56 -1.96
C VAL B 59 11.39 -4.61 -2.66
N ALA B 60 12.62 -4.51 -2.15
CA ALA B 60 13.63 -3.60 -2.70
C ALA B 60 14.14 -3.96 -4.09
N HIS B 61 14.81 -3.02 -4.72
CA HIS B 61 15.37 -3.27 -6.03
C HIS B 61 16.62 -4.11 -5.85
N ARG B 62 17.35 -3.83 -4.76
CA ARG B 62 18.60 -4.54 -4.45
C ARG B 62 18.78 -4.58 -2.94
N SER B 63 19.67 -5.47 -2.51
CA SER B 63 19.95 -5.57 -1.08
C SER B 63 21.41 -5.92 -0.84
N TYR B 64 21.86 -5.66 0.38
CA TYR B 64 23.21 -5.99 0.81
C TYR B 64 23.03 -6.63 2.16
N VAL B 65 23.85 -7.64 2.45
CA VAL B 65 23.75 -8.35 3.71
C VAL B 65 25.12 -8.36 4.39
N GLY B 66 25.13 -7.93 5.65
CA GLY B 66 26.37 -7.88 6.43
C GLY B 66 26.08 -7.37 7.82
N ASN B 67 27.14 -7.26 8.62
CA ASN B 67 27.06 -6.79 10.01
C ASN B 67 26.95 -5.28 10.03
N MET B 68 25.78 -4.78 10.40
CA MET B 68 25.54 -3.36 10.45
C MET B 68 26.22 -2.58 11.58
N MET B 69 27.00 -3.30 12.40
CA MET B 69 27.75 -2.66 13.49
C MET B 69 29.18 -2.46 12.97
N ASP B 70 29.44 -2.99 11.76
CA ASP B 70 30.74 -2.90 11.10
C ASP B 70 30.75 -1.69 10.17
N LYS B 71 31.52 -0.67 10.56
CA LYS B 71 31.61 0.55 9.77
C LYS B 71 32.17 0.36 8.34
N ASP B 72 33.09 -0.57 8.15
CA ASP B 72 33.64 -0.81 6.82
C ASP B 72 32.54 -1.30 5.87
N PHE B 73 31.74 -2.26 6.34
CA PHE B 73 30.66 -2.79 5.54
C PHE B 73 29.72 -1.65 5.11
N LEU B 74 29.22 -0.86 6.06
CA LEU B 74 28.31 0.23 5.72
C LEU B 74 28.95 1.21 4.76
N TRP B 75 30.23 1.50 4.97
CA TRP B 75 30.91 2.45 4.08
C TRP B 75 31.01 1.91 2.67
N SER B 76 31.24 0.61 2.54
CA SER B 76 31.34 0.02 1.22
C SER B 76 30.02 0.20 0.47
N VAL B 77 28.91 -0.05 1.16
CA VAL B 77 27.58 0.08 0.56
C VAL B 77 27.28 1.52 0.20
N VAL B 78 27.57 2.42 1.12
CA VAL B 78 27.30 3.83 0.86
C VAL B 78 28.11 4.38 -0.30
N GLU B 79 29.39 4.04 -0.33
CA GLU B 79 30.27 4.49 -1.41
C GLU B 79 29.76 3.97 -2.74
N ARG B 80 29.33 2.71 -2.76
CA ARG B 80 28.79 2.10 -3.99
C ARG B 80 27.44 2.68 -4.42
N GLU B 81 26.53 2.89 -3.46
CA GLU B 81 25.19 3.37 -3.80
C GLU B 81 24.92 4.89 -3.85
N LYS B 82 25.65 5.69 -3.06
CA LYS B 82 25.46 7.14 -3.02
C LYS B 82 23.98 7.52 -3.01
N PRO B 83 23.24 7.05 -2.00
CA PRO B 83 21.80 7.34 -1.89
C PRO B 83 21.51 8.81 -1.55
N ASP B 84 20.25 9.23 -1.78
CA ASP B 84 19.82 10.58 -1.48
C ASP B 84 19.42 10.66 -0.03
N ALA B 85 19.14 9.50 0.56
CA ALA B 85 18.74 9.41 1.96
C ALA B 85 19.17 8.06 2.53
N ILE B 86 19.76 8.13 3.72
CA ILE B 86 20.20 6.97 4.46
C ILE B 86 19.22 6.94 5.64
N ILE B 87 18.34 5.92 5.62
CA ILE B 87 17.27 5.73 6.59
C ILE B 87 17.52 4.57 7.55
N PRO B 88 17.92 4.87 8.80
CA PRO B 88 18.18 3.83 9.80
C PRO B 88 16.84 3.27 10.23
N GLU B 89 16.68 1.95 10.25
CA GLU B 89 15.40 1.37 10.63
C GLU B 89 15.47 0.90 12.07
N ILE B 90 16.66 0.48 12.51
CA ILE B 90 16.85 0.01 13.87
C ILE B 90 17.84 0.88 14.65
N GLU B 91 18.11 0.50 15.89
CA GLU B 91 19.04 1.27 16.73
C GLU B 91 20.44 0.69 16.66
N ALA B 92 20.51 -0.63 16.49
CA ALA B 92 21.78 -1.35 16.42
C ALA B 92 22.50 -1.16 15.08
N ILE B 93 22.98 0.06 14.86
CA ILE B 93 23.72 0.42 13.66
C ILE B 93 24.97 1.13 14.15
N ASN B 94 26.08 1.00 13.41
CA ASN B 94 27.32 1.66 13.81
C ASN B 94 27.15 3.18 13.77
N LEU B 95 27.18 3.81 14.94
CA LEU B 95 27.02 5.27 15.07
C LEU B 95 28.11 6.14 14.43
N ASP B 96 29.39 5.77 14.61
CA ASP B 96 30.47 6.55 14.02
C ASP B 96 30.24 6.59 12.51
N ALA B 97 29.80 5.46 11.97
CA ALA B 97 29.56 5.35 10.55
C ALA B 97 28.56 6.41 10.10
N LEU B 98 27.46 6.53 10.84
CA LEU B 98 26.44 7.51 10.50
C LEU B 98 27.02 8.91 10.52
N PHE B 99 27.82 9.23 11.54
CA PHE B 99 28.42 10.55 11.65
C PHE B 99 29.36 10.79 10.47
N GLU B 100 30.15 9.78 10.14
CA GLU B 100 31.08 9.91 9.01
C GLU B 100 30.34 10.15 7.68
N PHE B 101 29.21 9.48 7.47
CA PHE B 101 28.46 9.65 6.23
C PHE B 101 28.00 11.09 6.08
N GLU B 102 27.44 11.59 7.16
CA GLU B 102 26.93 12.94 7.26
C GLU B 102 28.03 13.96 6.97
N LYS B 103 29.17 13.78 7.62
CA LYS B 103 30.31 14.68 7.42
C LYS B 103 30.75 14.67 5.96
N ASP B 104 30.66 13.51 5.30
CA ASP B 104 31.06 13.36 3.90
C ASP B 104 29.98 13.84 2.93
N GLY B 105 28.89 14.39 3.45
CA GLY B 105 27.85 14.90 2.57
C GLY B 105 26.63 14.05 2.30
N TYR B 106 26.51 12.91 2.96
CA TYR B 106 25.34 12.07 2.74
C TYR B 106 24.27 12.43 3.73
N PHE B 107 23.02 12.37 3.30
CA PHE B 107 21.94 12.73 4.19
C PHE B 107 21.44 11.57 5.07
N VAL B 108 21.86 11.60 6.34
CA VAL B 108 21.48 10.65 7.36
C VAL B 108 20.21 11.17 8.05
N VAL B 109 19.16 10.36 8.06
CA VAL B 109 17.88 10.75 8.63
C VAL B 109 17.72 10.45 10.11
N PRO B 110 17.26 11.43 10.91
CA PRO B 110 16.89 12.82 10.56
C PRO B 110 18.21 13.61 10.52
N ASN B 111 19.17 13.09 11.28
CA ASN B 111 20.57 13.55 11.36
C ASN B 111 21.26 12.52 12.26
N ALA B 112 22.58 12.45 12.19
CA ALA B 112 23.32 11.47 12.99
C ALA B 112 23.17 11.66 14.49
N ARG B 113 23.24 12.91 14.94
CA ARG B 113 23.12 13.24 16.36
C ARG B 113 21.87 12.68 17.01
N ALA B 114 20.73 12.79 16.33
CA ALA B 114 19.47 12.30 16.89
C ALA B 114 19.51 10.81 17.19
N THR B 115 20.13 10.04 16.31
CA THR B 115 20.20 8.61 16.51
C THR B 115 21.10 8.31 17.69
N TRP B 116 22.16 9.09 17.81
CA TRP B 116 23.12 8.91 18.91
C TRP B 116 22.47 9.22 20.28
N ILE B 117 21.73 10.33 20.34
CA ILE B 117 21.06 10.73 21.57
C ILE B 117 20.00 9.71 22.00
N ALA B 118 19.11 9.33 21.09
CA ALA B 118 18.05 8.39 21.42
C ALA B 118 18.58 7.03 21.89
N MET B 119 19.79 6.70 21.46
CA MET B 119 20.41 5.44 21.82
C MET B 119 20.95 5.45 23.26
N HIS B 120 21.34 6.63 23.73
CA HIS B 120 21.90 6.81 25.07
C HIS B 120 20.82 7.27 26.07
N ARG B 121 20.22 6.32 26.77
CA ARG B 121 19.14 6.60 27.71
C ARG B 121 19.27 7.83 28.60
N GLU B 122 20.39 7.96 29.32
CA GLU B 122 20.55 9.10 30.20
C GLU B 122 20.86 10.42 29.48
N ARG B 123 21.47 10.33 28.30
CA ARG B 123 21.76 11.55 27.56
C ARG B 123 20.44 12.07 26.98
N LEU B 124 19.53 11.16 26.67
CA LEU B 124 18.23 11.55 26.15
C LEU B 124 17.43 12.21 27.26
N ARG B 125 17.43 11.58 28.43
CA ARG B 125 16.71 12.10 29.59
C ARG B 125 17.17 13.51 29.91
N GLU B 126 18.48 13.75 29.79
CA GLU B 126 19.01 15.06 30.07
C GLU B 126 18.56 16.04 28.98
N THR B 127 18.53 15.58 27.73
CA THR B 127 18.10 16.44 26.63
C THR B 127 16.66 16.87 26.89
N LEU B 128 15.80 15.90 27.16
CA LEU B 128 14.39 16.17 27.43
C LEU B 128 14.20 17.25 28.50
N VAL B 129 14.98 17.16 29.57
CA VAL B 129 14.88 18.10 30.66
C VAL B 129 15.62 19.43 30.49
N LYS B 130 16.92 19.37 30.20
CA LYS B 130 17.74 20.57 30.04
C LYS B 130 17.52 21.35 28.76
N GLU B 131 17.30 20.65 27.65
CA GLU B 131 17.13 21.29 26.36
C GLU B 131 15.69 21.40 25.81
N ALA B 132 14.98 20.28 25.78
CA ALA B 132 13.61 20.29 25.29
C ALA B 132 12.75 21.02 26.31
N LYS B 133 13.18 20.97 27.57
CA LYS B 133 12.47 21.63 28.67
C LYS B 133 11.02 21.21 28.72
N VAL B 134 10.80 19.91 28.75
CA VAL B 134 9.45 19.38 28.81
C VAL B 134 9.33 18.55 30.08
N PRO B 135 8.10 18.38 30.59
CA PRO B 135 7.98 17.59 31.80
C PRO B 135 8.26 16.11 31.58
N THR B 136 8.86 15.49 32.60
CA THR B 136 9.17 14.07 32.53
C THR B 136 9.01 13.56 33.95
N SER B 137 9.31 12.29 34.15
CA SER B 137 9.21 11.72 35.49
C SER B 137 10.33 12.32 36.33
N ARG B 138 10.02 12.58 37.60
CA ARG B 138 11.02 13.13 38.51
C ARG B 138 12.06 12.04 38.78
N TYR B 139 13.33 12.42 38.80
CA TYR B 139 14.40 11.45 39.03
C TYR B 139 15.67 12.13 39.53
N MET B 140 16.58 11.30 40.03
CA MET B 140 17.89 11.77 40.50
C MET B 140 18.81 10.56 40.61
N TYR B 141 20.12 10.81 40.68
CA TYR B 141 21.08 9.74 40.77
C TYR B 141 21.65 9.57 42.18
N ALA B 142 22.39 8.48 42.39
CA ALA B 142 22.99 8.18 43.68
C ALA B 142 24.24 7.32 43.52
N THR B 143 25.32 7.69 44.21
CA THR B 143 26.59 6.97 44.14
C THR B 143 26.82 6.09 45.36
N THR B 144 26.30 6.51 46.50
CA THR B 144 26.47 5.79 47.76
C THR B 144 25.14 5.37 48.38
N LEU B 145 25.16 4.29 49.15
CA LEU B 145 23.95 3.80 49.81
C LEU B 145 23.31 4.97 50.53
N ASP B 146 24.14 5.86 51.04
CA ASP B 146 23.68 7.03 51.74
C ASP B 146 22.77 7.84 50.81
N GLU B 147 23.34 8.25 49.67
CA GLU B 147 22.61 9.03 48.68
C GLU B 147 21.40 8.31 48.10
N LEU B 148 21.46 6.98 48.04
CA LEU B 148 20.34 6.20 47.52
C LEU B 148 19.15 6.47 48.44
N TYR B 149 19.40 6.44 49.74
CA TYR B 149 18.38 6.68 50.76
C TYR B 149 17.84 8.10 50.64
N GLU B 150 18.72 9.07 50.44
CA GLU B 150 18.31 10.47 50.32
C GLU B 150 17.50 10.68 49.05
N ALA B 151 17.84 9.93 48.00
CA ALA B 151 17.15 10.04 46.72
C ALA B 151 15.74 9.48 46.81
N CYS B 152 15.63 8.23 47.24
CA CYS B 152 14.32 7.59 47.37
C CYS B 152 13.40 8.43 48.27
N GLU B 153 14.01 9.07 49.26
CA GLU B 153 13.27 9.89 50.22
C GLU B 153 12.66 11.12 49.55
N LYS B 154 13.45 11.83 48.75
CA LYS B 154 12.97 13.03 48.06
C LYS B 154 12.03 12.71 46.90
N ILE B 155 12.35 11.66 46.16
CA ILE B 155 11.54 11.24 45.01
C ILE B 155 10.16 10.75 45.46
N GLY B 156 10.08 10.20 46.67
CA GLY B 156 8.81 9.70 47.16
C GLY B 156 8.69 8.21 46.90
N TYR B 157 7.72 7.56 47.54
CA TYR B 157 7.53 6.13 47.38
C TYR B 157 6.15 5.81 46.79
N PRO B 158 6.08 4.75 45.95
CA PRO B 158 7.21 3.90 45.56
C PRO B 158 8.06 4.54 44.46
N CYS B 159 9.23 3.96 44.19
CA CYS B 159 10.13 4.47 43.16
C CYS B 159 10.97 3.38 42.50
N HIS B 160 11.37 3.63 41.26
CA HIS B 160 12.17 2.69 40.49
C HIS B 160 13.65 3.03 40.59
N THR B 161 14.49 2.00 40.54
CA THR B 161 15.93 2.20 40.62
C THR B 161 16.70 1.16 39.81
N LYS B 162 17.66 1.62 39.01
CA LYS B 162 18.51 0.75 38.21
C LYS B 162 19.85 1.43 38.00
N ALA B 163 20.84 0.68 37.51
CA ALA B 163 22.17 1.22 37.29
C ALA B 163 22.49 1.50 35.83
N ILE B 164 23.56 2.23 35.60
CA ILE B 164 23.99 2.57 34.25
C ILE B 164 24.85 1.44 33.67
N SER B 172 17.60 -4.05 38.23
CA SER B 172 16.86 -2.97 38.90
C SER B 172 16.08 -3.49 40.10
N TYR B 173 15.25 -2.63 40.69
CA TYR B 173 14.45 -2.99 41.85
C TYR B 173 13.33 -1.97 42.04
N PHE B 174 12.24 -2.40 42.65
CA PHE B 174 11.10 -1.51 42.89
C PHE B 174 10.87 -1.30 44.38
N VAL B 175 11.32 -0.18 44.92
CA VAL B 175 11.15 0.11 46.34
C VAL B 175 9.81 0.79 46.61
N LYS B 176 9.00 0.14 47.45
CA LYS B 176 7.69 0.67 47.80
C LYS B 176 7.75 1.43 49.14
N GLY B 177 8.88 1.28 49.82
CA GLY B 177 9.06 1.94 51.11
C GLY B 177 10.51 1.95 51.55
N PRO B 178 10.85 2.74 52.58
CA PRO B 178 12.23 2.82 53.08
C PRO B 178 12.72 1.57 53.80
N GLU B 179 12.35 0.40 53.28
CA GLU B 179 12.77 -0.87 53.87
C GLU B 179 13.46 -1.68 52.80
N ASP B 180 13.31 -1.24 51.56
CA ASP B 180 13.91 -1.93 50.42
C ASP B 180 15.13 -1.16 49.93
N ILE B 181 15.39 -0.01 50.54
CA ILE B 181 16.54 0.81 50.15
C ILE B 181 17.81 -0.04 50.11
N PRO B 182 18.11 -0.75 51.21
CA PRO B 182 19.32 -1.59 51.25
C PRO B 182 19.23 -2.73 50.25
N LYS B 183 18.06 -3.34 50.18
CA LYS B 183 17.81 -4.44 49.26
C LYS B 183 18.03 -3.95 47.83
N ALA B 184 17.69 -2.68 47.59
CA ALA B 184 17.84 -2.06 46.28
C ALA B 184 19.32 -1.79 45.99
N TRP B 185 20.13 -1.78 47.04
CA TRP B 185 21.56 -1.54 46.90
C TRP B 185 22.34 -2.84 47.11
N LYS B 198 26.74 3.81 39.73
CA LYS B 198 25.81 4.91 39.56
C LYS B 198 24.38 4.39 39.41
N ILE B 199 23.52 4.78 40.34
CA ILE B 199 22.13 4.37 40.34
C ILE B 199 21.20 5.53 40.05
N ILE B 200 20.05 5.23 39.45
CA ILE B 200 19.08 6.27 39.14
C ILE B 200 17.80 5.96 39.89
N VAL B 201 17.20 7.01 40.46
CA VAL B 201 15.97 6.86 41.21
C VAL B 201 14.89 7.62 40.46
N GLU B 202 13.97 6.88 39.87
CA GLU B 202 12.89 7.46 39.08
C GLU B 202 11.55 7.29 39.79
N GLU B 203 10.79 8.38 39.86
CA GLU B 203 9.49 8.33 40.52
C GLU B 203 8.55 7.40 39.76
N HIS B 204 7.36 7.22 40.30
CA HIS B 204 6.38 6.37 39.67
C HIS B 204 5.23 7.23 39.16
N ILE B 205 4.60 6.80 38.08
CA ILE B 205 3.48 7.52 37.49
C ILE B 205 2.41 6.49 37.11
N ASP B 206 1.25 6.56 37.74
CA ASP B 206 0.20 5.62 37.42
C ASP B 206 -0.66 6.21 36.31
N PHE B 207 -0.09 6.24 35.11
CA PHE B 207 -0.76 6.79 33.94
C PHE B 207 -1.99 6.02 33.50
N ASP B 208 -2.81 6.67 32.68
CA ASP B 208 -4.02 6.07 32.15
C ASP B 208 -3.70 5.37 30.83
N VAL B 209 -2.88 6.02 30.02
CA VAL B 209 -2.52 5.43 28.74
C VAL B 209 -1.18 5.91 28.22
N GLU B 210 -0.51 5.02 27.50
CA GLU B 210 0.77 5.32 26.89
C GLU B 210 0.46 5.79 25.46
N VAL B 211 1.08 6.87 25.01
CA VAL B 211 0.83 7.30 23.66
C VAL B 211 2.12 7.60 22.92
N THR B 212 2.04 7.46 21.60
CA THR B 212 3.13 7.74 20.68
C THR B 212 2.63 8.89 19.80
N GLU B 213 3.40 9.97 19.71
CA GLU B 213 3.02 11.08 18.83
C GLU B 213 3.98 11.04 17.65
N LEU B 214 3.46 10.78 16.46
CA LEU B 214 4.29 10.69 15.25
C LEU B 214 4.54 12.03 14.54
N ALA B 215 5.20 12.94 15.25
CA ALA B 215 5.50 14.26 14.69
C ALA B 215 6.38 14.09 13.47
N VAL B 216 6.09 14.85 12.42
CA VAL B 216 6.91 14.76 11.23
C VAL B 216 7.45 16.12 10.82
N ARG B 217 8.77 16.20 10.69
CA ARG B 217 9.45 17.42 10.26
C ARG B 217 9.74 17.30 8.78
N HIS B 218 9.19 18.23 8.01
CA HIS B 218 9.35 18.19 6.56
C HIS B 218 9.27 19.61 6.00
N PHE B 219 9.53 19.76 4.71
CA PHE B 219 9.46 21.08 4.09
C PHE B 219 8.03 21.46 3.75
N ASP B 220 7.72 22.76 3.84
CA ASP B 220 6.38 23.20 3.47
C ASP B 220 6.51 23.75 2.06
N GLU B 221 5.40 24.20 1.49
CA GLU B 221 5.39 24.75 0.13
C GLU B 221 6.41 25.87 -0.06
N ASN B 222 6.78 26.57 1.01
CA ASN B 222 7.72 27.67 0.87
C ASN B 222 9.19 27.28 1.01
N GLY B 223 9.46 26.01 1.19
CA GLY B 223 10.84 25.58 1.33
C GLY B 223 11.33 25.67 2.75
N GLU B 224 10.41 25.90 3.67
CA GLU B 224 10.77 26.00 5.08
C GLU B 224 10.29 24.77 5.85
N ILE B 225 10.99 24.46 6.92
CA ILE B 225 10.69 23.32 7.72
C ILE B 225 9.60 23.53 8.74
N VAL B 226 8.55 22.71 8.67
CA VAL B 226 7.46 22.75 9.64
C VAL B 226 7.34 21.38 10.28
N THR B 227 6.50 21.28 11.30
CA THR B 227 6.30 20.03 12.00
C THR B 227 4.80 19.78 12.00
N THR B 228 4.36 18.63 11.49
CA THR B 228 2.93 18.40 11.51
C THR B 228 2.62 17.21 12.36
N PHE B 229 1.46 17.27 13.01
CA PHE B 229 1.07 16.27 13.97
C PHE B 229 -0.14 15.42 13.70
N PRO B 230 0.08 14.10 13.59
CA PRO B 230 -0.99 13.13 13.35
C PRO B 230 -1.63 12.95 14.73
N LYS B 231 -2.79 12.30 14.78
CA LYS B 231 -3.48 12.05 16.03
C LYS B 231 -2.66 11.11 16.88
N PRO B 232 -2.64 11.33 18.21
CA PRO B 232 -1.89 10.47 19.12
C PRO B 232 -2.26 8.98 18.95
N VAL B 233 -1.26 8.11 19.05
CA VAL B 233 -1.45 6.67 18.92
C VAL B 233 -1.35 6.00 20.29
N GLY B 234 -2.38 5.25 20.65
CA GLY B 234 -2.36 4.55 21.92
C GLY B 234 -1.81 3.13 21.74
N HIS B 235 -1.26 2.57 22.80
CA HIS B 235 -0.69 1.22 22.75
C HIS B 235 -0.38 0.71 24.14
N TYR B 236 -0.15 -0.59 24.27
CA TYR B 236 0.21 -1.17 25.55
C TYR B 236 1.32 -2.18 25.31
N GLN B 237 2.40 -2.05 26.09
CA GLN B 237 3.58 -2.91 25.96
C GLN B 237 3.52 -4.17 26.81
N ILE B 238 3.87 -5.31 26.20
CA ILE B 238 3.89 -6.58 26.91
C ILE B 238 5.32 -7.10 27.01
N ASP B 239 5.95 -6.85 28.14
CA ASP B 239 7.33 -7.28 28.37
C ASP B 239 8.26 -6.57 27.38
N GLY B 240 8.13 -5.24 27.30
CA GLY B 240 8.97 -4.46 26.42
C GLY B 240 8.55 -4.51 24.96
N ASP B 241 7.82 -5.55 24.56
CA ASP B 241 7.36 -5.68 23.17
C ASP B 241 5.94 -5.15 23.02
N TYR B 242 5.74 -4.25 22.07
CA TYR B 242 4.42 -3.70 21.86
C TYR B 242 3.54 -4.84 21.37
N HIS B 243 2.29 -4.82 21.81
CA HIS B 243 1.34 -5.87 21.46
C HIS B 243 0.18 -5.35 20.61
N ALA B 244 -0.35 -4.19 20.97
CA ALA B 244 -1.48 -3.61 20.26
C ALA B 244 -1.33 -2.09 20.25
N SER B 245 -1.86 -1.44 19.22
CA SER B 245 -1.80 0.01 19.15
C SER B 245 -3.08 0.45 18.47
N TRP B 246 -3.40 1.74 18.58
CA TRP B 246 -4.63 2.24 18.01
C TRP B 246 -4.61 3.76 17.87
N GLN B 247 -5.46 4.27 16.98
CA GLN B 247 -5.55 5.70 16.74
C GLN B 247 -7.01 6.05 16.48
N PRO B 248 -7.52 7.10 17.14
CA PRO B 248 -6.80 7.96 18.09
C PRO B 248 -6.81 7.40 19.51
N ALA B 249 -5.86 7.84 20.32
CA ALA B 249 -5.79 7.42 21.72
C ALA B 249 -6.96 8.12 22.45
N GLU B 250 -7.51 7.45 23.47
CA GLU B 250 -8.63 8.00 24.23
C GLU B 250 -8.17 9.00 25.29
N ILE B 251 -7.83 10.21 24.85
CA ILE B 251 -7.40 11.24 25.78
C ILE B 251 -8.15 12.55 25.50
N SER B 252 -8.17 13.41 26.51
CA SER B 252 -8.85 14.71 26.41
C SER B 252 -8.17 15.67 25.44
N GLU B 253 -8.96 16.60 24.92
CA GLU B 253 -8.45 17.59 24.00
C GLU B 253 -7.34 18.44 24.62
N LYS B 254 -7.35 18.55 25.94
CA LYS B 254 -6.33 19.32 26.64
C LYS B 254 -5.01 18.53 26.70
N ALA B 255 -5.12 17.22 26.93
CA ALA B 255 -3.94 16.34 26.98
C ALA B 255 -3.38 16.25 25.55
N GLU B 256 -4.29 16.16 24.59
CA GLU B 256 -3.91 16.07 23.18
C GLU B 256 -3.06 17.26 22.76
N ARG B 257 -3.53 18.45 23.12
CA ARG B 257 -2.79 19.64 22.75
C ARG B 257 -1.45 19.70 23.49
N GLU B 258 -1.40 19.14 24.69
CA GLU B 258 -0.16 19.13 25.45
C GLU B 258 0.81 18.16 24.77
N VAL B 259 0.28 17.08 24.22
CA VAL B 259 1.10 16.09 23.53
C VAL B 259 1.81 16.76 22.36
N TYR B 260 1.04 17.49 21.54
CA TYR B 260 1.60 18.19 20.40
C TYR B 260 2.64 19.19 20.90
N ARG B 261 2.33 19.89 22.00
CA ARG B 261 3.25 20.88 22.56
C ARG B 261 4.57 20.25 22.98
N ILE B 262 4.50 19.14 23.73
CA ILE B 262 5.70 18.42 24.18
C ILE B 262 6.49 17.88 22.99
N ALA B 263 5.78 17.28 22.03
CA ALA B 263 6.42 16.72 20.84
C ALA B 263 7.20 17.78 20.08
N LYS B 264 6.54 18.91 19.81
CA LYS B 264 7.16 20.02 19.08
C LYS B 264 8.48 20.40 19.74
N ARG B 265 8.46 20.52 21.06
CA ARG B 265 9.66 20.86 21.80
C ARG B 265 10.74 19.79 21.66
N ILE B 266 10.36 18.51 21.72
CA ILE B 266 11.37 17.48 21.57
C ILE B 266 11.93 17.48 20.14
N THR B 267 11.05 17.49 19.15
CA THR B 267 11.54 17.47 17.78
C THR B 267 12.29 18.73 17.35
N ASP B 268 12.01 19.88 17.97
CA ASP B 268 12.71 21.12 17.61
C ASP B 268 14.19 20.99 17.98
N VAL B 269 14.45 20.28 19.08
CA VAL B 269 15.81 20.04 19.55
C VAL B 269 16.53 18.99 18.72
N LEU B 270 15.83 17.91 18.37
CA LEU B 270 16.45 16.86 17.56
C LEU B 270 16.69 17.39 16.14
N GLY B 271 15.72 18.11 15.59
CA GLY B 271 15.90 18.67 14.26
C GLY B 271 15.87 17.68 13.11
N GLY B 272 16.50 18.06 11.99
CA GLY B 272 16.55 17.22 10.81
C GLY B 272 15.22 17.11 10.07
N LEU B 273 15.04 16.04 9.31
CA LEU B 273 13.79 15.83 8.58
C LEU B 273 13.39 14.39 8.83
N GLY B 274 12.09 14.15 8.86
CA GLY B 274 11.60 12.80 9.07
C GLY B 274 10.59 12.73 10.17
N ILE B 275 10.05 11.53 10.41
CA ILE B 275 9.06 11.33 11.44
C ILE B 275 9.71 10.80 12.73
N PHE B 276 9.15 11.18 13.89
CA PHE B 276 9.66 10.76 15.19
C PHE B 276 8.58 10.03 15.98
N GLY B 277 8.99 9.10 16.84
CA GLY B 277 8.03 8.39 17.64
C GLY B 277 8.22 8.91 19.05
N VAL B 278 7.49 9.97 19.41
CA VAL B 278 7.62 10.57 20.74
C VAL B 278 6.67 9.86 21.70
N GLU B 279 7.27 9.16 22.67
CA GLU B 279 6.51 8.41 23.65
C GLU B 279 6.20 9.26 24.87
N MET B 280 4.94 9.21 25.30
CA MET B 280 4.49 9.97 26.44
C MET B 280 3.49 9.21 27.30
N PHE B 281 3.30 9.70 28.52
CA PHE B 281 2.36 9.12 29.45
C PHE B 281 1.27 10.17 29.66
N VAL B 282 0.02 9.72 29.69
CA VAL B 282 -1.08 10.64 29.90
C VAL B 282 -1.89 10.18 31.10
N LYS B 283 -2.25 11.13 31.95
CA LYS B 283 -3.05 10.86 33.14
C LYS B 283 -4.00 12.07 33.25
N GLY B 284 -5.23 11.88 32.79
CA GLY B 284 -6.18 12.97 32.82
C GLY B 284 -5.75 14.00 31.79
N ASP B 285 -5.31 15.16 32.26
CA ASP B 285 -4.85 16.24 31.40
C ASP B 285 -3.34 16.40 31.50
N LYS B 286 -2.72 15.57 32.34
CA LYS B 286 -1.28 15.61 32.55
C LYS B 286 -0.56 14.71 31.55
N VAL B 287 0.52 15.24 30.99
CA VAL B 287 1.32 14.51 30.01
C VAL B 287 2.79 14.58 30.37
N TRP B 288 3.48 13.46 30.23
CA TRP B 288 4.91 13.36 30.51
C TRP B 288 5.65 12.73 29.32
N ALA B 289 6.76 13.35 28.94
CA ALA B 289 7.58 12.82 27.87
C ALA B 289 8.39 11.69 28.51
N ASN B 290 8.55 10.58 27.80
CA ASN B 290 9.32 9.47 28.35
C ASN B 290 10.48 9.08 27.46
N GLU B 291 10.21 8.81 26.19
CA GLU B 291 11.26 8.39 25.29
C GLU B 291 10.99 8.88 23.88
N VAL B 292 11.99 8.75 23.01
CA VAL B 292 11.80 9.16 21.63
C VAL B 292 12.70 8.38 20.69
N SER B 293 12.12 7.94 19.59
CA SER B 293 12.86 7.23 18.54
C SER B 293 12.79 8.10 17.30
N PRO B 294 13.94 8.49 16.76
CA PRO B 294 14.02 9.34 15.57
C PRO B 294 13.79 8.61 14.24
N ARG B 295 12.71 7.84 14.17
CA ARG B 295 12.39 7.07 12.98
C ARG B 295 11.01 6.46 13.20
N PRO B 296 10.41 5.87 12.13
CA PRO B 296 9.08 5.25 12.25
C PRO B 296 9.11 4.25 13.40
N HIS B 297 7.99 4.15 14.13
CA HIS B 297 7.90 3.27 15.30
C HIS B 297 6.84 2.19 15.05
N ASP B 298 7.06 1.00 15.58
CA ASP B 298 6.13 -0.09 15.39
C ASP B 298 4.69 0.21 15.83
N THR B 299 4.48 1.00 16.86
CA THR B 299 3.11 1.29 17.26
C THR B 299 2.40 2.02 16.11
N GLY B 300 3.19 2.73 15.31
CA GLY B 300 2.65 3.49 14.20
C GLY B 300 2.14 2.68 13.00
N MET B 301 2.28 1.36 13.05
CA MET B 301 1.77 0.58 11.93
C MET B 301 0.27 0.77 11.83
N VAL B 302 -0.35 1.27 12.90
CA VAL B 302 -1.79 1.48 12.87
C VAL B 302 -2.13 2.45 11.75
N THR B 303 -1.22 3.37 11.43
CA THR B 303 -1.48 4.33 10.35
C THR B 303 -1.61 3.67 8.97
N LEU B 304 -1.25 2.40 8.86
CA LEU B 304 -1.41 1.68 7.60
C LEU B 304 -2.93 1.59 7.28
N ALA B 305 -3.76 1.76 8.31
CA ALA B 305 -5.23 1.72 8.10
C ALA B 305 -5.92 3.02 8.52
N SER B 306 -5.41 3.68 9.57
CA SER B 306 -6.02 4.93 10.05
C SER B 306 -5.71 6.15 9.18
N HIS B 307 -4.57 6.15 8.49
CA HIS B 307 -4.25 7.28 7.63
C HIS B 307 -4.63 6.90 6.20
N PRO B 308 -4.77 7.89 5.33
CA PRO B 308 -5.14 7.72 3.92
C PRO B 308 -4.03 7.05 3.13
N PRO B 309 -4.38 6.45 1.99
CA PRO B 309 -3.34 5.80 1.20
C PRO B 309 -2.20 6.76 0.85
N GLY B 310 -0.96 6.30 1.03
CA GLY B 310 0.19 7.13 0.74
C GLY B 310 0.50 8.10 1.87
N PHE B 311 -0.12 7.89 3.04
CA PHE B 311 0.15 8.77 4.16
C PHE B 311 0.35 8.11 5.51
N SER B 312 0.67 6.82 5.51
CA SER B 312 0.96 6.12 6.76
C SER B 312 2.26 6.74 7.27
N GLU B 313 2.72 6.35 8.45
CA GLU B 313 3.95 6.93 9.00
C GLU B 313 5.16 6.66 8.08
N PHE B 314 5.09 5.57 7.33
CA PHE B 314 6.16 5.17 6.43
C PHE B 314 6.24 6.08 5.20
N ALA B 315 5.11 6.46 4.63
CA ALA B 315 5.10 7.35 3.47
C ALA B 315 5.44 8.77 3.93
N LEU B 316 5.05 9.13 5.16
CA LEU B 316 5.34 10.46 5.72
C LEU B 316 6.83 10.62 5.90
N HIS B 317 7.48 9.60 6.46
CA HIS B 317 8.93 9.62 6.68
C HIS B 317 9.64 9.77 5.34
N LEU B 318 9.25 8.92 4.39
CA LEU B 318 9.80 8.90 3.04
C LEU B 318 9.69 10.27 2.36
N ARG B 319 8.47 10.80 2.31
CA ARG B 319 8.26 12.11 1.68
C ARG B 319 9.10 13.18 2.36
N ALA B 320 9.09 13.16 3.69
CA ALA B 320 9.87 14.13 4.46
C ALA B 320 11.36 14.05 4.14
N VAL B 321 11.95 12.85 4.20
CA VAL B 321 13.38 12.72 3.95
C VAL B 321 13.82 12.90 2.50
N LEU B 322 12.87 12.88 1.57
CA LEU B 322 13.18 13.14 0.18
C LEU B 322 13.03 14.66 -0.08
N GLY B 323 12.50 15.38 0.92
CA GLY B 323 12.32 16.83 0.78
C GLY B 323 11.00 17.21 0.12
N LEU B 324 10.06 16.27 0.06
CA LEU B 324 8.76 16.51 -0.56
C LEU B 324 7.78 17.05 0.47
N PRO B 325 6.77 17.80 0.04
CA PRO B 325 5.79 18.35 0.98
C PRO B 325 4.83 17.30 1.50
N ILE B 326 4.10 17.69 2.53
CA ILE B 326 3.10 16.86 3.16
C ILE B 326 1.89 17.75 3.55
N PRO B 327 0.73 17.53 2.93
CA PRO B 327 -0.48 18.30 3.21
C PRO B 327 -0.80 18.29 4.70
N GLY B 328 -1.30 19.41 5.19
CA GLY B 328 -1.66 19.51 6.59
C GLY B 328 -2.92 20.34 6.77
N GLU B 329 -3.31 20.54 8.01
CA GLU B 329 -4.50 21.33 8.31
C GLU B 329 -4.24 22.12 9.60
N TRP B 330 -4.13 23.43 9.49
CA TRP B 330 -3.88 24.24 10.67
C TRP B 330 -5.09 24.32 11.58
N VAL B 331 -4.86 24.13 12.87
CA VAL B 331 -5.93 24.19 13.86
C VAL B 331 -5.38 24.64 15.21
N ASP B 332 -5.63 25.91 15.52
CA ASP B 332 -5.17 26.52 16.76
C ASP B 332 -3.66 26.60 16.88
N GLY B 333 -3.01 27.03 15.81
CA GLY B 333 -1.56 27.15 15.85
C GLY B 333 -0.80 25.84 15.67
N TYR B 334 -1.51 24.74 15.45
CA TYR B 334 -0.84 23.46 15.25
C TYR B 334 -1.14 22.90 13.87
N ARG B 335 -0.10 22.55 13.12
CA ARG B 335 -0.29 21.98 11.78
C ARG B 335 -0.52 20.49 11.97
N LEU B 336 -1.79 20.09 11.92
CA LEU B 336 -2.17 18.71 12.12
C LEU B 336 -2.28 17.91 10.85
N PHE B 337 -2.25 16.59 10.99
CA PHE B 337 -2.40 15.68 9.87
C PHE B 337 -3.68 14.89 10.17
N PRO B 338 -4.75 15.14 9.40
CA PRO B 338 -6.05 14.47 9.56
C PRO B 338 -6.06 12.96 9.43
N MET B 339 -6.76 12.32 10.34
CA MET B 339 -6.92 10.88 10.38
C MET B 339 -8.07 10.53 9.42
N LEU B 340 -8.05 9.32 8.86
CA LEU B 340 -9.12 8.90 7.94
C LEU B 340 -10.21 8.15 8.68
N ILE B 341 -9.81 7.16 9.47
CA ILE B 341 -10.76 6.37 10.22
C ILE B 341 -10.05 5.72 11.40
N PRO B 342 -10.73 5.58 12.55
CA PRO B 342 -10.04 4.96 13.67
C PRO B 342 -9.65 3.54 13.27
N ALA B 343 -8.55 3.05 13.84
CA ALA B 343 -8.06 1.73 13.51
C ALA B 343 -7.20 1.20 14.64
N ALA B 344 -6.82 -0.06 14.52
CA ALA B 344 -6.01 -0.70 15.53
C ALA B 344 -5.24 -1.82 14.87
N THR B 345 -4.22 -2.30 15.57
CA THR B 345 -3.40 -3.40 15.09
C THR B 345 -3.18 -4.28 16.30
N HIS B 346 -2.78 -5.52 16.03
CA HIS B 346 -2.46 -6.46 17.08
C HIS B 346 -1.44 -7.38 16.45
N VAL B 347 -0.33 -7.58 17.15
CA VAL B 347 0.76 -8.40 16.65
C VAL B 347 0.45 -9.88 16.53
N ILE B 348 1.21 -10.54 15.67
CA ILE B 348 1.11 -11.99 15.47
C ILE B 348 2.55 -12.41 15.83
N LYS B 349 2.72 -12.89 17.06
CA LYS B 349 4.01 -13.32 17.59
C LYS B 349 4.25 -14.81 17.48
N ALA B 350 5.47 -15.18 17.13
CA ALA B 350 5.83 -16.60 17.03
C ALA B 350 6.13 -17.15 18.44
N LYS B 351 5.67 -18.37 18.71
CA LYS B 351 5.92 -19.00 20.00
C LYS B 351 6.84 -20.19 19.76
N VAL B 352 7.35 -20.31 18.53
CA VAL B 352 8.24 -21.40 18.17
C VAL B 352 9.37 -20.88 17.30
N SER B 353 10.37 -21.73 17.06
CA SER B 353 11.49 -21.34 16.24
C SER B 353 11.50 -22.18 14.97
N GLY B 354 12.39 -21.86 14.05
CA GLY B 354 12.45 -22.65 12.82
C GLY B 354 12.27 -21.86 11.53
N TYR B 355 12.59 -22.54 10.45
CA TYR B 355 12.54 -21.99 9.11
C TYR B 355 11.20 -22.23 8.40
N SER B 356 10.89 -21.36 7.44
CA SER B 356 9.68 -21.49 6.62
C SER B 356 8.37 -21.45 7.39
N PRO B 357 8.08 -20.32 8.07
CA PRO B 357 6.84 -20.21 8.83
C PRO B 357 5.58 -20.32 7.97
N ARG B 358 4.48 -20.71 8.58
CA ARG B 358 3.21 -20.82 7.88
C ARG B 358 2.10 -20.51 8.87
N PHE B 359 0.98 -20.02 8.35
CA PHE B 359 -0.14 -19.60 9.17
C PHE B 359 -1.43 -20.25 8.69
N ARG B 360 -2.27 -20.68 9.64
CA ARG B 360 -3.57 -21.31 9.35
C ARG B 360 -4.63 -20.54 10.12
N GLY B 361 -5.89 -20.86 9.86
CA GLY B 361 -6.99 -20.17 10.52
C GLY B 361 -7.44 -18.99 9.68
N LEU B 362 -6.90 -18.90 8.45
CA LEU B 362 -7.21 -17.79 7.54
C LEU B 362 -8.66 -17.73 7.05
N VAL B 363 -9.29 -18.88 6.87
CA VAL B 363 -10.69 -18.87 6.45
C VAL B 363 -11.56 -18.03 7.40
N LYS B 364 -11.35 -18.17 8.71
CA LYS B 364 -12.13 -17.42 9.68
C LYS B 364 -11.55 -16.04 9.94
N ALA B 365 -10.22 -15.96 10.00
CA ALA B 365 -9.57 -14.69 10.27
C ALA B 365 -9.86 -13.64 9.19
N LEU B 366 -9.74 -14.03 7.93
CA LEU B 366 -9.96 -13.08 6.86
C LEU B 366 -11.39 -12.92 6.41
N SER B 367 -12.32 -13.54 7.14
CA SER B 367 -13.75 -13.39 6.84
C SER B 367 -14.32 -12.28 7.73
N VAL B 368 -13.55 -11.87 8.74
CA VAL B 368 -13.98 -10.80 9.64
C VAL B 368 -14.00 -9.47 8.88
N PRO B 369 -15.15 -8.80 8.82
CA PRO B 369 -15.30 -7.51 8.13
C PRO B 369 -14.42 -6.40 8.72
N ASN B 370 -14.04 -5.45 7.87
CA ASN B 370 -13.25 -4.29 8.29
C ASN B 370 -11.93 -4.65 8.95
N ALA B 371 -11.29 -5.68 8.44
CA ALA B 371 -10.00 -6.09 8.96
C ALA B 371 -9.23 -6.87 7.92
N THR B 372 -7.94 -7.09 8.17
CA THR B 372 -7.06 -7.87 7.32
C THR B 372 -5.77 -8.08 8.07
N VAL B 373 -4.81 -8.74 7.43
CA VAL B 373 -3.53 -8.98 8.09
C VAL B 373 -2.38 -8.68 7.13
N ARG B 374 -1.21 -8.45 7.69
CA ARG B 374 -0.01 -8.21 6.93
C ARG B 374 0.93 -9.28 7.47
N LEU B 375 1.50 -10.08 6.58
CA LEU B 375 2.41 -11.14 6.99
C LEU B 375 3.75 -10.67 6.44
N PHE B 376 4.72 -10.48 7.32
CA PHE B 376 5.98 -9.89 6.94
C PHE B 376 6.96 -10.55 5.99
N GLY B 377 6.88 -11.86 5.83
CA GLY B 377 7.81 -12.52 4.91
C GLY B 377 9.11 -12.96 5.54
N LYS B 378 9.20 -12.91 6.86
CA LYS B 378 10.43 -13.30 7.53
C LYS B 378 10.61 -14.80 7.29
N PRO B 379 11.74 -15.17 6.68
CA PRO B 379 12.06 -16.56 6.36
C PRO B 379 12.26 -17.52 7.52
N GLU B 380 12.42 -16.96 8.71
CA GLU B 380 12.69 -17.78 9.87
C GLU B 380 12.04 -17.19 11.13
N ALA B 381 11.76 -18.06 12.09
CA ALA B 381 11.14 -17.60 13.31
C ALA B 381 11.96 -17.99 14.54
N TYR B 382 11.79 -17.23 15.60
CA TYR B 382 12.42 -17.53 16.89
C TYR B 382 11.32 -17.16 17.89
N VAL B 383 11.37 -17.72 19.10
CA VAL B 383 10.33 -17.43 20.08
C VAL B 383 10.25 -15.93 20.39
N GLY B 384 9.07 -15.35 20.21
CA GLY B 384 8.90 -13.94 20.47
C GLY B 384 9.00 -13.06 19.22
N ARG B 385 9.40 -13.64 18.09
CA ARG B 385 9.53 -12.85 16.87
C ARG B 385 8.20 -12.40 16.29
N ARG B 386 8.10 -11.12 15.96
CA ARG B 386 6.89 -10.57 15.37
C ARG B 386 6.88 -10.99 13.89
N LEU B 387 5.88 -11.78 13.51
CA LEU B 387 5.80 -12.29 12.12
C LEU B 387 4.75 -11.60 11.26
N GLY B 388 3.88 -10.80 11.87
CA GLY B 388 2.86 -10.10 11.10
C GLY B 388 1.93 -9.34 12.01
N ILE B 389 0.91 -8.72 11.43
CA ILE B 389 -0.07 -8.00 12.23
C ILE B 389 -1.48 -8.13 11.70
N ALA B 390 -2.43 -7.94 12.60
CA ALA B 390 -3.83 -7.94 12.21
C ALA B 390 -4.15 -6.45 12.18
N LEU B 391 -4.90 -6.03 11.18
CA LEU B 391 -5.28 -4.62 11.05
C LEU B 391 -6.80 -4.53 11.03
N ALA B 392 -7.34 -3.57 11.76
CA ALA B 392 -8.79 -3.39 11.82
C ALA B 392 -9.16 -1.91 11.95
N TRP B 393 -10.29 -1.55 11.33
CA TRP B 393 -10.75 -0.17 11.35
C TRP B 393 -12.26 -0.14 11.68
N ASP B 394 -12.72 0.97 12.23
CA ASP B 394 -14.12 1.13 12.60
C ASP B 394 -14.32 2.56 13.10
N LYS B 395 -15.56 3.06 13.03
CA LYS B 395 -15.83 4.41 13.50
C LYS B 395 -15.59 4.50 15.00
N ASP B 396 -15.67 3.35 15.67
CA ASP B 396 -15.45 3.29 17.10
C ASP B 396 -14.12 2.60 17.33
N VAL B 397 -13.15 3.34 17.85
CA VAL B 397 -11.83 2.79 18.09
C VAL B 397 -11.84 1.53 18.96
N GLU B 398 -12.74 1.48 19.94
CA GLU B 398 -12.82 0.31 20.81
C GLU B 398 -13.19 -0.93 20.00
N VAL B 399 -13.99 -0.74 18.98
CA VAL B 399 -14.40 -1.87 18.15
C VAL B 399 -13.21 -2.32 17.32
N ALA B 400 -12.43 -1.37 16.85
CA ALA B 400 -11.25 -1.69 16.03
C ALA B 400 -10.27 -2.47 16.89
N LYS B 401 -10.01 -1.98 18.10
CA LYS B 401 -9.05 -2.66 19.00
C LYS B 401 -9.47 -4.09 19.23
N ARG B 402 -10.76 -4.26 19.53
CA ARG B 402 -11.34 -5.57 19.78
C ARG B 402 -11.19 -6.50 18.58
N LYS B 403 -11.54 -6.00 17.40
CA LYS B 403 -11.46 -6.77 16.17
C LYS B 403 -10.03 -7.23 15.80
N ALA B 404 -9.05 -6.33 15.86
CA ALA B 404 -7.65 -6.67 15.54
C ALA B 404 -7.19 -7.82 16.43
N GLU B 405 -7.42 -7.67 17.73
CA GLU B 405 -7.06 -8.70 18.69
C GLU B 405 -7.73 -10.03 18.31
N MET B 406 -9.04 -9.97 18.01
CA MET B 406 -9.78 -11.17 17.65
C MET B 406 -9.20 -11.82 16.39
N VAL B 407 -8.92 -11.02 15.37
CA VAL B 407 -8.36 -11.57 14.13
C VAL B 407 -6.99 -12.17 14.40
N ALA B 408 -6.15 -11.47 15.16
CA ALA B 408 -4.81 -11.97 15.46
C ALA B 408 -4.87 -13.33 16.15
N HIS B 409 -5.76 -13.48 17.14
CA HIS B 409 -5.87 -14.72 17.87
C HIS B 409 -6.53 -15.89 17.13
N MET B 410 -7.08 -15.65 15.95
CA MET B 410 -7.68 -16.73 15.18
C MET B 410 -6.59 -17.41 14.37
N ILE B 411 -5.42 -16.79 14.32
CA ILE B 411 -4.30 -17.31 13.54
C ILE B 411 -3.31 -18.18 14.32
N GLU B 412 -2.96 -19.33 13.75
CA GLU B 412 -2.02 -20.25 14.37
C GLU B 412 -0.75 -20.33 13.51
N LEU B 413 0.38 -20.54 14.18
CA LEU B 413 1.69 -20.59 13.55
C LEU B 413 2.38 -21.93 13.62
N ARG B 414 3.16 -22.20 12.58
CA ARG B 414 3.91 -23.42 12.48
C ARG B 414 5.22 -23.09 11.76
N THR B 415 6.22 -23.93 11.98
CA THR B 415 7.52 -23.78 11.37
C THR B 415 7.81 -25.15 10.75
N ARG B 416 8.82 -25.24 9.89
CA ARG B 416 9.18 -26.50 9.22
C ARG B 416 9.42 -27.60 10.24
N SER B 417 9.90 -27.22 11.41
CA SER B 417 10.22 -28.20 12.43
C SER B 417 9.47 -28.02 13.73
N SER B 418 8.23 -27.54 13.68
CA SER B 418 7.48 -27.35 14.92
C SER B 418 6.01 -27.72 14.73
N ASP B 419 5.28 -27.73 15.84
CA ASP B 419 3.86 -28.00 15.82
C ASP B 419 3.13 -26.68 15.71
N TRP B 420 1.84 -26.75 15.48
CA TRP B 420 1.02 -25.56 15.38
C TRP B 420 0.76 -24.98 16.76
N HIS B 421 0.91 -23.66 16.91
CA HIS B 421 0.67 -22.99 18.18
C HIS B 421 -0.24 -21.79 17.97
N ASP B 422 -1.13 -21.55 18.93
CA ASP B 422 -2.05 -20.42 18.83
C ASP B 422 -1.47 -19.16 19.44
N GLN B 423 -2.19 -18.05 19.33
CA GLN B 423 -1.74 -16.80 19.91
C GLN B 423 -2.16 -16.72 21.38
#